data_1IVO
#
_entry.id   1IVO
#
_cell.length_a   220.164
_cell.length_b   220.164
_cell.length_c   113.121
_cell.angle_alpha   90.00
_cell.angle_beta   90.00
_cell.angle_gamma   120.00
#
_symmetry.space_group_name_H-M   'P 31 2 1'
#
loop_
_entity.id
_entity.type
_entity.pdbx_description
1 polymer 'Epidermal Growth Factor Receptor'
2 polymer 'Epidermal growth factor'
3 branched 2-acetamido-2-deoxy-beta-D-glucopyranose-(1-4)-2-acetamido-2-deoxy-beta-D-glucopyranose
4 non-polymer 2-acetamido-2-deoxy-beta-D-glucopyranose
5 water water
#
loop_
_entity_poly.entity_id
_entity_poly.type
_entity_poly.pdbx_seq_one_letter_code
_entity_poly.pdbx_strand_id
1 'polypeptide(L)'
;LEEKKVCQGTSNKLTQLGTFEDHFLSLQRMFNNCEVVLGNLEITYVQRNYDLSFLKTIQEVAGYVLIALNTVERIPLENL
QIIRGNMYYENSYALAVLSNYDANKTGLKELPMRNLQEILHGAVRFSNNPALCNVESIQWRDIVSSDFLSNMSMDFQNHL
GSCQKCDPSCPNGSCWGAGEENCQKLTKIICAQQCSGRCRGKSPSDCCHNQCAAGCTGPRESDCLVCRKFRDEATCKDTC
PPLMLYNPTTYQMDVNPEGKYSFGATCVKKCPRNYVVTDHGSCVRACGADSYEMEEDGVRKCKKCEGPCRKVCNGIGIGE
FKDSLSINATNIKHFKNCTSISGDLHILPVAFRGDSFTHTPPLDPQELDILKTVKEITGFLLIQAWPENRTDLHAFENLE
IIRGRTKQHGQFSLAVVSLNITSLGLRSLKEISDGDVIISGNKNLCYANTINWKKLFGTSGQKTKIISNRGENSCKATGQ
VCHALCSPEGCWGPEPRDCVSCRNVSRGRECVDKCNLLEGEPREFVENSECIQCHPECLPQAMNITCTGRGPDNCIQCAH
YIDGPHCVKTCPAGVMGENNTLVWKYADAGHVCHLCHPNCTYGCTGPGLEGCPTNGPKIPSI
;
A,B
2 'polypeptide(L)' NSDSECPLSHDGYCLHDGVCMYIEALDKYACNCVVGYIGERCQYRDLKWWELR C,D
#
# COMPACT_ATOMS: atom_id res chain seq x y z
N GLU A 2 -4.07 24.32 -0.77
CA GLU A 2 -3.70 24.22 0.67
C GLU A 2 -4.90 23.89 1.56
N GLU A 3 -5.14 24.70 2.58
CA GLU A 3 -6.26 24.46 3.48
C GLU A 3 -7.44 25.36 3.12
N LYS A 4 -8.60 24.74 3.00
CA LYS A 4 -9.82 25.48 2.65
C LYS A 4 -10.84 25.41 3.77
N LYS A 5 -11.70 26.42 3.85
CA LYS A 5 -12.74 26.45 4.88
C LYS A 5 -13.80 25.44 4.47
N VAL A 6 -14.32 24.69 5.44
CA VAL A 6 -15.29 23.64 5.16
C VAL A 6 -16.61 23.65 5.93
N CYS A 7 -17.69 23.24 5.26
CA CYS A 7 -19.00 23.15 5.89
C CYS A 7 -19.66 21.79 5.64
N GLN A 8 -20.44 21.34 6.62
CA GLN A 8 -21.12 20.05 6.54
C GLN A 8 -21.98 19.94 5.30
N GLY A 9 -22.78 20.97 5.06
CA GLY A 9 -23.64 20.96 3.90
C GLY A 9 -24.98 20.35 4.25
N THR A 10 -26.04 21.13 4.07
CA THR A 10 -27.39 20.67 4.35
C THR A 10 -27.62 19.36 3.61
N SER A 11 -28.61 18.60 4.06
CA SER A 11 -28.92 17.33 3.43
C SER A 11 -30.33 16.93 3.78
N ASN A 12 -31.29 17.81 3.51
CA ASN A 12 -32.69 17.55 3.78
C ASN A 12 -33.55 17.99 2.62
N LYS A 13 -33.03 17.74 1.41
CA LYS A 13 -33.68 18.08 0.14
C LYS A 13 -35.16 18.41 0.14
N LEU A 14 -35.55 19.33 -0.74
CA LEU A 14 -36.94 19.78 -0.91
C LEU A 14 -37.77 20.10 0.33
N THR A 15 -37.17 19.96 1.51
CA THR A 15 -37.83 20.28 2.77
C THR A 15 -37.62 21.77 3.03
N GLN A 16 -38.61 22.44 3.60
CA GLN A 16 -38.48 23.86 3.88
C GLN A 16 -38.30 24.17 5.36
N LEU A 17 -37.15 24.71 5.71
CA LEU A 17 -36.84 25.06 7.11
C LEU A 17 -37.45 26.39 7.56
N GLY A 18 -38.68 26.33 8.11
CA GLY A 18 -39.35 27.53 8.57
C GLY A 18 -40.06 28.30 7.47
N THR A 19 -39.76 29.60 7.37
CA THR A 19 -40.35 30.48 6.35
C THR A 19 -39.31 30.80 5.27
N PHE A 20 -39.77 31.23 4.09
CA PHE A 20 -38.84 31.54 3.02
C PHE A 20 -37.63 32.28 3.56
N GLU A 21 -37.87 33.11 4.57
CA GLU A 21 -36.77 33.88 5.16
C GLU A 21 -35.94 33.02 6.11
N ASP A 22 -36.58 32.43 7.11
CA ASP A 22 -35.86 31.57 8.05
C ASP A 22 -35.09 30.53 7.23
N HIS A 23 -35.74 29.95 6.24
CA HIS A 23 -35.08 28.99 5.38
C HIS A 23 -33.81 29.65 4.91
N PHE A 24 -33.96 30.87 4.40
CA PHE A 24 -32.83 31.63 3.89
C PHE A 24 -31.74 31.81 4.93
N LEU A 25 -32.09 32.37 6.09
CA LEU A 25 -31.12 32.60 7.15
C LEU A 25 -30.27 31.35 7.36
N SER A 26 -30.85 30.17 7.25
CA SER A 26 -30.09 28.94 7.43
C SER A 26 -29.09 28.77 6.29
N LEU A 27 -29.61 28.71 5.07
CA LEU A 27 -28.77 28.57 3.89
C LEU A 27 -27.56 29.49 3.99
N GLN A 28 -27.79 30.68 4.53
CA GLN A 28 -26.72 31.67 4.69
C GLN A 28 -25.82 31.30 5.85
N ARG A 29 -26.43 30.95 6.97
CA ARG A 29 -25.69 30.57 8.17
C ARG A 29 -24.83 29.34 7.88
N MET A 30 -25.36 28.46 7.04
CA MET A 30 -24.68 27.22 6.68
C MET A 30 -23.49 27.37 5.75
N PHE A 31 -23.72 28.01 4.61
CA PHE A 31 -22.65 28.16 3.62
C PHE A 31 -21.78 29.42 3.66
N ASN A 32 -22.12 30.39 4.49
CA ASN A 32 -21.32 31.62 4.59
C ASN A 32 -19.83 31.27 4.72
N ASN A 33 -19.00 31.84 3.85
CA ASN A 33 -17.56 31.63 3.86
C ASN A 33 -17.05 30.24 3.51
N CYS A 34 -17.95 29.27 3.39
CA CYS A 34 -17.58 27.91 3.06
C CYS A 34 -16.88 27.81 1.70
N GLU A 35 -15.81 27.01 1.62
CA GLU A 35 -15.09 26.84 0.36
C GLU A 35 -15.20 25.42 -0.17
N VAL A 36 -15.51 24.48 0.72
CA VAL A 36 -15.68 23.08 0.36
C VAL A 36 -16.91 22.56 1.10
N VAL A 37 -17.75 21.80 0.41
CA VAL A 37 -18.95 21.31 1.07
C VAL A 37 -18.88 19.82 1.31
N LEU A 38 -18.48 19.46 2.53
CA LEU A 38 -18.34 18.08 2.92
C LEU A 38 -19.48 17.16 2.51
N GLY A 39 -20.72 17.59 2.75
CA GLY A 39 -21.88 16.79 2.38
C GLY A 39 -22.58 17.23 1.10
N ASN A 40 -23.69 17.95 1.24
CA ASN A 40 -24.47 18.41 0.09
C ASN A 40 -24.71 19.94 0.04
N LEU A 41 -25.01 20.43 -1.16
CA LEU A 41 -25.30 21.85 -1.38
C LEU A 41 -26.69 22.01 -1.98
N GLU A 42 -27.67 22.20 -1.11
CA GLU A 42 -29.05 22.35 -1.54
C GLU A 42 -29.50 23.79 -1.37
N ILE A 43 -29.80 24.42 -2.51
CA ILE A 43 -30.25 25.80 -2.57
C ILE A 43 -31.68 25.75 -3.11
N THR A 44 -32.64 25.86 -2.20
CA THR A 44 -34.05 25.82 -2.56
C THR A 44 -34.88 26.85 -1.80
N TYR A 45 -35.92 27.37 -2.46
CA TYR A 45 -36.83 28.35 -1.88
C TYR A 45 -36.26 29.76 -1.71
N VAL A 46 -35.09 30.03 -2.27
CA VAL A 46 -34.51 31.37 -2.19
C VAL A 46 -35.45 32.25 -3.01
N GLN A 47 -35.76 33.44 -2.51
CA GLN A 47 -36.71 34.29 -3.21
C GLN A 47 -36.24 35.37 -4.20
N ARG A 48 -37.21 36.11 -4.72
CA ARG A 48 -37.05 37.16 -5.72
C ARG A 48 -35.88 38.13 -5.61
N ASN A 49 -35.61 38.64 -4.41
CA ASN A 49 -34.51 39.58 -4.25
C ASN A 49 -33.59 39.31 -3.07
N TYR A 50 -33.27 38.03 -2.86
CA TYR A 50 -32.36 37.66 -1.78
C TYR A 50 -30.92 37.64 -2.28
N ASP A 51 -29.99 37.90 -1.37
CA ASP A 51 -28.58 37.94 -1.75
C ASP A 51 -27.85 36.63 -1.51
N LEU A 52 -27.61 35.90 -2.60
CA LEU A 52 -26.89 34.63 -2.55
C LEU A 52 -25.50 34.91 -3.07
N SER A 53 -24.96 36.05 -2.67
CA SER A 53 -23.63 36.44 -3.10
C SER A 53 -22.62 35.53 -2.42
N PHE A 54 -22.87 35.21 -1.16
CA PHE A 54 -21.96 34.37 -0.40
C PHE A 54 -21.64 32.99 -0.97
N LEU A 55 -22.32 32.58 -2.04
CA LEU A 55 -22.05 31.28 -2.64
C LEU A 55 -20.85 31.33 -3.58
N LYS A 56 -20.32 32.53 -3.81
CA LYS A 56 -19.18 32.67 -4.69
C LYS A 56 -17.91 32.11 -4.06
N THR A 57 -18.02 31.63 -2.83
CA THR A 57 -16.88 31.06 -2.10
C THR A 57 -16.79 29.53 -2.24
N ILE A 58 -17.83 28.93 -2.79
CA ILE A 58 -17.86 27.48 -2.95
C ILE A 58 -17.03 27.00 -4.14
N GLN A 59 -15.95 26.29 -3.84
CA GLN A 59 -15.06 25.76 -4.87
C GLN A 59 -15.37 24.31 -5.20
N GLU A 60 -15.86 23.58 -4.20
CA GLU A 60 -16.18 22.19 -4.42
C GLU A 60 -17.23 21.61 -3.47
N VAL A 61 -17.94 20.63 -3.98
CA VAL A 61 -18.97 19.94 -3.22
C VAL A 61 -18.79 18.44 -3.42
N ALA A 62 -18.52 17.73 -2.34
CA ALA A 62 -18.31 16.29 -2.38
C ALA A 62 -19.57 15.59 -2.90
N GLY A 63 -20.68 15.76 -2.19
CA GLY A 63 -21.92 15.12 -2.61
C GLY A 63 -22.53 15.65 -3.90
N TYR A 64 -23.75 16.18 -3.80
CA TYR A 64 -24.46 16.73 -4.95
C TYR A 64 -24.96 18.16 -4.73
N VAL A 65 -25.44 18.76 -5.82
CA VAL A 65 -25.94 20.12 -5.81
C VAL A 65 -27.39 20.18 -6.26
N LEU A 66 -28.30 20.45 -5.31
CA LEU A 66 -29.72 20.54 -5.62
C LEU A 66 -30.08 22.01 -5.70
N ILE A 67 -30.77 22.39 -6.76
CA ILE A 67 -31.20 23.76 -6.99
C ILE A 67 -32.59 23.65 -7.57
N ALA A 68 -33.60 23.66 -6.70
CA ALA A 68 -34.98 23.54 -7.16
C ALA A 68 -35.98 24.33 -6.31
N LEU A 69 -36.93 24.95 -7.01
CA LEU A 69 -37.97 25.76 -6.37
C LEU A 69 -37.44 27.11 -5.90
N ASN A 70 -36.72 27.80 -6.77
CA ASN A 70 -36.16 29.11 -6.43
C ASN A 70 -36.66 30.23 -7.33
N THR A 71 -37.14 31.31 -6.71
CA THR A 71 -37.63 32.45 -7.46
C THR A 71 -36.49 33.41 -7.69
N VAL A 72 -35.43 33.31 -6.88
CA VAL A 72 -34.28 34.17 -7.06
C VAL A 72 -33.99 34.14 -8.57
N GLU A 73 -33.25 35.12 -9.06
CA GLU A 73 -33.00 35.19 -10.49
C GLU A 73 -31.63 34.76 -10.98
N ARG A 74 -30.62 34.90 -10.13
CA ARG A 74 -29.26 34.54 -10.51
C ARG A 74 -28.55 33.90 -9.33
N ILE A 75 -27.87 32.79 -9.60
CA ILE A 75 -27.15 32.07 -8.56
C ILE A 75 -25.64 32.07 -8.83
N PRO A 76 -24.87 32.77 -7.99
CA PRO A 76 -23.43 32.98 -7.98
C PRO A 76 -22.48 31.79 -7.89
N LEU A 77 -22.95 30.57 -8.09
CA LEU A 77 -22.04 29.42 -8.01
C LEU A 77 -21.01 29.50 -9.14
N GLU A 78 -20.51 30.70 -9.38
CA GLU A 78 -19.54 30.93 -10.43
C GLU A 78 -18.18 30.31 -10.16
N ASN A 79 -17.91 29.99 -8.90
CA ASN A 79 -16.61 29.41 -8.57
C ASN A 79 -16.59 27.91 -8.25
N LEU A 80 -17.73 27.25 -8.38
CA LEU A 80 -17.78 25.82 -8.13
C LEU A 80 -16.88 25.21 -9.21
N GLN A 81 -16.01 24.28 -8.81
CA GLN A 81 -15.08 23.65 -9.73
C GLN A 81 -15.40 22.20 -10.04
N ILE A 82 -15.71 21.44 -8.99
CA ILE A 82 -16.01 20.04 -9.15
C ILE A 82 -17.09 19.57 -8.18
N ILE A 83 -17.85 18.57 -8.61
CA ILE A 83 -18.91 17.98 -7.81
C ILE A 83 -18.59 16.50 -7.78
N ARG A 84 -17.95 16.10 -6.70
CA ARG A 84 -17.54 14.72 -6.50
C ARG A 84 -18.71 13.74 -6.75
N GLY A 85 -19.88 14.06 -6.20
CA GLY A 85 -21.02 13.18 -6.38
C GLY A 85 -20.94 11.97 -5.46
N ASN A 86 -20.50 12.20 -4.23
CA ASN A 86 -20.36 11.13 -3.24
C ASN A 86 -21.73 10.79 -2.68
N MET A 87 -22.75 11.30 -3.37
CA MET A 87 -24.14 11.07 -3.00
C MET A 87 -24.98 11.57 -4.16
N TYR A 88 -26.22 11.11 -4.27
CA TYR A 88 -27.07 11.52 -5.38
C TYR A 88 -28.45 12.01 -4.98
N TYR A 89 -29.10 12.71 -5.91
CA TYR A 89 -30.46 13.20 -5.70
C TYR A 89 -31.27 12.28 -6.59
N GLU A 90 -32.49 11.94 -6.16
CA GLU A 90 -33.34 11.05 -6.94
C GLU A 90 -32.55 9.95 -7.66
N ASN A 91 -31.42 9.56 -7.09
CA ASN A 91 -30.59 8.52 -7.66
C ASN A 91 -30.06 8.88 -9.04
N SER A 92 -28.73 8.87 -9.16
CA SER A 92 -28.05 9.15 -10.41
C SER A 92 -28.04 10.63 -10.79
N TYR A 93 -28.15 11.52 -9.81
CA TYR A 93 -28.11 12.96 -10.08
C TYR A 93 -27.11 13.66 -9.20
N ALA A 94 -26.05 14.17 -9.82
CA ALA A 94 -25.00 14.90 -9.13
C ALA A 94 -25.39 16.36 -9.00
N LEU A 95 -26.08 16.86 -10.03
CA LEU A 95 -26.55 18.24 -10.06
C LEU A 95 -27.99 18.23 -10.55
N ALA A 96 -28.93 18.54 -9.66
CA ALA A 96 -30.33 18.53 -10.03
C ALA A 96 -30.98 19.92 -9.94
N VAL A 97 -31.10 20.60 -11.08
CA VAL A 97 -31.71 21.93 -11.11
C VAL A 97 -33.18 21.72 -11.51
N LEU A 98 -34.10 22.04 -10.61
CA LEU A 98 -35.52 21.81 -10.87
C LEU A 98 -36.50 22.94 -10.56
N SER A 99 -37.61 22.97 -11.32
CA SER A 99 -38.70 23.93 -11.19
C SER A 99 -38.39 25.28 -10.57
N ASN A 100 -37.52 26.04 -11.20
CA ASN A 100 -37.13 27.37 -10.70
C ASN A 100 -37.95 28.49 -11.32
N TYR A 101 -39.26 28.45 -11.11
CA TYR A 101 -40.11 29.48 -11.69
C TYR A 101 -41.02 30.18 -10.71
N ASP A 102 -41.39 31.40 -11.08
CA ASP A 102 -42.27 32.23 -10.28
C ASP A 102 -43.69 31.94 -10.74
N ALA A 103 -44.68 32.27 -9.91
CA ALA A 103 -46.06 32.04 -10.30
C ALA A 103 -46.27 32.82 -11.59
N ASN A 104 -45.36 33.75 -11.85
CA ASN A 104 -45.40 34.59 -13.04
C ASN A 104 -44.58 33.99 -14.19
N LYS A 105 -44.05 32.78 -13.97
CA LYS A 105 -43.24 32.06 -14.96
C LYS A 105 -41.84 32.65 -15.12
N THR A 106 -41.27 33.17 -14.03
CA THR A 106 -39.93 33.75 -14.07
C THR A 106 -39.21 33.64 -12.74
N GLY A 107 -38.12 32.87 -12.72
CA GLY A 107 -37.35 32.67 -11.52
C GLY A 107 -35.85 32.73 -11.76
N LEU A 108 -35.21 31.56 -11.75
CA LEU A 108 -33.77 31.49 -11.99
C LEU A 108 -33.52 31.78 -13.45
N LYS A 109 -32.55 32.65 -13.72
CA LYS A 109 -32.22 33.04 -15.08
C LYS A 109 -30.75 32.86 -15.41
N GLU A 110 -29.89 33.29 -14.49
CA GLU A 110 -28.45 33.18 -14.70
C GLU A 110 -27.74 32.29 -13.69
N LEU A 111 -27.06 31.27 -14.22
CA LEU A 111 -26.32 30.30 -13.43
C LEU A 111 -24.86 30.31 -13.91
N PRO A 112 -24.08 31.29 -13.41
CA PRO A 112 -22.66 31.52 -13.71
C PRO A 112 -21.70 30.37 -13.40
N MET A 113 -22.16 29.13 -13.47
CA MET A 113 -21.26 28.01 -13.17
C MET A 113 -20.29 27.82 -14.31
N ARG A 114 -19.43 28.82 -14.53
CA ARG A 114 -18.47 28.77 -15.61
C ARG A 114 -17.16 28.13 -15.19
N ASN A 115 -17.13 27.55 -14.01
CA ASN A 115 -15.94 26.88 -13.53
C ASN A 115 -16.26 25.44 -13.19
N LEU A 116 -17.55 25.11 -13.14
CA LEU A 116 -17.94 23.74 -12.87
C LEU A 116 -17.38 22.99 -14.06
N GLN A 117 -16.27 22.31 -13.87
CA GLN A 117 -15.64 21.60 -14.98
C GLN A 117 -15.62 20.09 -14.79
N GLU A 118 -15.73 19.63 -13.56
CA GLU A 118 -15.71 18.20 -13.28
C GLU A 118 -16.83 17.74 -12.36
N ILE A 119 -17.45 16.63 -12.73
CA ILE A 119 -18.52 16.02 -11.93
C ILE A 119 -18.19 14.53 -11.90
N LEU A 120 -17.19 14.20 -11.09
CA LEU A 120 -16.69 12.85 -10.92
C LEU A 120 -17.68 11.71 -11.06
N HIS A 121 -18.83 11.84 -10.42
CA HIS A 121 -19.83 10.78 -10.45
C HIS A 121 -21.25 11.31 -10.52
N GLY A 122 -22.16 10.49 -11.03
CA GLY A 122 -23.54 10.91 -11.11
C GLY A 122 -23.88 11.62 -12.41
N ALA A 123 -25.17 11.81 -12.63
CA ALA A 123 -25.67 12.48 -13.82
C ALA A 123 -26.35 13.81 -13.47
N VAL A 124 -26.41 14.71 -14.44
CA VAL A 124 -27.00 16.02 -14.22
C VAL A 124 -28.41 16.13 -14.85
N ARG A 125 -29.36 16.68 -14.08
CA ARG A 125 -30.74 16.85 -14.55
C ARG A 125 -31.26 18.29 -14.53
N PHE A 126 -31.67 18.78 -15.70
CA PHE A 126 -32.23 20.13 -15.86
C PHE A 126 -33.66 19.97 -16.41
N SER A 127 -34.65 20.45 -15.66
CA SER A 127 -36.04 20.31 -16.11
C SER A 127 -37.02 21.30 -15.49
N ASN A 128 -37.74 22.03 -16.35
CA ASN A 128 -38.71 23.02 -15.93
C ASN A 128 -38.05 24.13 -15.13
N ASN A 129 -37.36 25.00 -15.84
CA ASN A 129 -36.68 26.13 -15.25
C ASN A 129 -36.66 27.22 -16.30
N PRO A 130 -37.81 27.90 -16.48
CA PRO A 130 -37.87 28.97 -17.47
C PRO A 130 -36.88 30.04 -17.05
N ALA A 131 -36.57 30.95 -17.97
CA ALA A 131 -35.64 32.05 -17.71
C ALA A 131 -34.20 31.57 -17.72
N LEU A 132 -33.98 30.27 -17.54
CA LEU A 132 -32.60 29.78 -17.55
C LEU A 132 -32.04 30.09 -18.91
N CYS A 133 -30.94 30.83 -18.91
CA CYS A 133 -30.30 31.24 -20.15
C CYS A 133 -28.86 30.81 -20.32
N ASN A 134 -28.52 30.50 -21.56
CA ASN A 134 -27.18 30.10 -21.93
C ASN A 134 -26.80 28.72 -21.43
N VAL A 135 -27.25 28.37 -20.22
CA VAL A 135 -26.92 27.06 -19.67
C VAL A 135 -27.26 25.98 -20.67
N GLU A 136 -28.33 26.21 -21.44
CA GLU A 136 -28.76 25.24 -22.44
C GLU A 136 -27.75 25.11 -23.56
N SER A 137 -26.59 25.77 -23.43
CA SER A 137 -25.56 25.74 -24.46
C SER A 137 -24.31 24.95 -24.09
N ILE A 138 -24.13 24.70 -22.80
CA ILE A 138 -22.97 23.97 -22.31
C ILE A 138 -23.01 22.50 -22.69
N GLN A 139 -21.94 22.03 -23.36
CA GLN A 139 -21.84 20.64 -23.76
C GLN A 139 -21.22 19.88 -22.60
N TRP A 140 -22.06 19.14 -21.89
CA TRP A 140 -21.64 18.37 -20.72
C TRP A 140 -20.85 17.11 -20.99
N ARG A 141 -20.71 16.74 -22.26
CA ARG A 141 -19.92 15.56 -22.58
C ARG A 141 -18.54 15.72 -21.94
N ASP A 142 -18.22 16.96 -21.57
CA ASP A 142 -16.93 17.30 -20.96
C ASP A 142 -17.04 17.53 -19.44
N ILE A 143 -18.15 18.10 -19.00
CA ILE A 143 -18.37 18.35 -17.57
C ILE A 143 -18.68 17.04 -16.85
N VAL A 144 -19.47 16.20 -17.50
CA VAL A 144 -19.86 14.90 -16.97
C VAL A 144 -18.91 13.83 -17.57
N SER A 145 -18.93 12.63 -17.01
CA SER A 145 -18.07 11.56 -17.52
C SER A 145 -18.86 10.38 -18.07
N SER A 146 -18.56 10.08 -19.33
CA SER A 146 -19.18 8.99 -20.09
C SER A 146 -20.14 8.04 -19.37
N ASP A 147 -19.69 7.44 -18.28
CA ASP A 147 -20.50 6.49 -17.53
C ASP A 147 -21.89 6.97 -17.10
N PHE A 148 -22.14 8.27 -17.15
CA PHE A 148 -23.46 8.75 -16.73
C PHE A 148 -24.24 9.58 -17.72
N LEU A 149 -23.55 10.26 -18.63
CA LEU A 149 -24.23 11.08 -19.62
C LEU A 149 -25.17 10.22 -20.47
N SER A 150 -25.45 9.03 -19.96
CA SER A 150 -26.32 8.07 -20.62
C SER A 150 -27.59 7.94 -19.78
N ASN A 151 -27.56 8.49 -18.58
CA ASN A 151 -28.70 8.45 -17.67
C ASN A 151 -29.07 9.87 -17.28
N MET A 152 -28.42 10.86 -17.87
CA MET A 152 -28.74 12.23 -17.50
C MET A 152 -29.79 12.93 -18.35
N SER A 153 -30.99 13.04 -17.77
CA SER A 153 -32.11 13.70 -18.40
C SER A 153 -31.98 15.21 -18.27
N MET A 154 -32.17 15.93 -19.38
CA MET A 154 -32.09 17.37 -19.31
C MET A 154 -32.30 18.10 -20.62
N ASP A 155 -33.48 18.71 -20.74
CA ASP A 155 -33.87 19.50 -21.92
C ASP A 155 -34.25 20.89 -21.41
N PHE A 156 -33.91 21.92 -22.18
CA PHE A 156 -34.21 23.30 -21.78
C PHE A 156 -35.32 23.89 -22.65
N GLN A 157 -36.22 24.67 -22.03
CA GLN A 157 -37.32 25.29 -22.76
C GLN A 157 -37.28 26.82 -22.84
N ASN A 158 -37.60 27.35 -24.02
CA ASN A 158 -37.61 28.79 -24.23
C ASN A 158 -38.63 29.44 -23.30
N HIS A 159 -38.33 30.67 -22.86
CA HIS A 159 -39.24 31.38 -21.96
C HIS A 159 -39.83 32.63 -22.62
N LEU A 160 -40.70 33.31 -21.90
CA LEU A 160 -41.35 34.51 -22.41
C LEU A 160 -40.41 35.70 -22.41
N GLY A 161 -39.51 35.74 -21.43
CA GLY A 161 -38.56 36.83 -21.34
C GLY A 161 -37.56 36.81 -22.47
N SER A 162 -36.40 37.43 -22.26
CA SER A 162 -35.36 37.48 -23.28
C SER A 162 -33.98 37.75 -22.69
N CYS A 163 -32.97 37.08 -23.22
CA CYS A 163 -31.60 37.24 -22.76
C CYS A 163 -30.60 37.29 -23.92
N GLN A 164 -29.59 38.16 -23.78
CA GLN A 164 -28.58 38.30 -24.82
C GLN A 164 -27.93 36.97 -25.17
N LYS A 165 -27.10 36.97 -26.20
CA LYS A 165 -26.42 35.77 -26.64
C LYS A 165 -25.03 35.69 -26.03
N CYS A 166 -24.17 34.87 -26.64
CA CYS A 166 -22.81 34.68 -26.14
C CYS A 166 -21.72 35.25 -27.05
N ASP A 167 -20.77 35.95 -26.44
CA ASP A 167 -19.66 36.57 -27.15
C ASP A 167 -19.01 35.62 -28.15
N PRO A 168 -18.67 36.12 -29.35
CA PRO A 168 -18.04 35.33 -30.43
C PRO A 168 -16.70 34.72 -30.06
N SER A 169 -16.39 34.69 -28.77
CA SER A 169 -15.15 34.11 -28.28
C SER A 169 -15.46 32.73 -27.73
N CYS A 170 -16.74 32.41 -27.71
CA CYS A 170 -17.22 31.12 -27.21
C CYS A 170 -16.82 29.96 -28.10
N PRO A 171 -16.58 28.78 -27.50
CA PRO A 171 -16.19 27.58 -28.24
C PRO A 171 -17.33 27.17 -29.16
N ASN A 172 -17.71 25.90 -29.12
CA ASN A 172 -18.81 25.44 -29.96
C ASN A 172 -20.14 25.91 -29.39
N GLY A 173 -20.16 27.18 -28.99
CA GLY A 173 -21.37 27.76 -28.42
C GLY A 173 -21.27 27.90 -26.93
N SER A 174 -20.99 26.79 -26.25
CA SER A 174 -20.86 26.71 -24.81
C SER A 174 -20.57 28.03 -24.08
N CYS A 175 -21.42 28.36 -23.10
CA CYS A 175 -21.26 29.60 -22.33
C CYS A 175 -22.30 29.71 -21.22
N TRP A 176 -21.82 29.80 -19.98
CA TRP A 176 -22.71 29.90 -18.83
C TRP A 176 -23.30 31.28 -18.65
N GLY A 177 -23.17 32.10 -19.68
CA GLY A 177 -23.68 33.46 -19.63
C GLY A 177 -22.92 34.34 -20.59
N ALA A 178 -22.87 35.64 -20.34
CA ALA A 178 -22.15 36.58 -21.22
C ALA A 178 -20.78 37.00 -20.72
N GLY A 179 -20.75 37.69 -19.59
CA GLY A 179 -19.49 38.15 -19.02
C GLY A 179 -18.38 38.39 -20.02
N GLU A 180 -17.19 37.87 -19.70
CA GLU A 180 -16.03 38.00 -20.58
C GLU A 180 -15.36 36.64 -20.68
N GLU A 181 -15.46 36.01 -21.85
CA GLU A 181 -14.88 34.69 -22.07
C GLU A 181 -15.47 33.72 -21.05
N ASN A 182 -16.66 34.06 -20.56
CA ASN A 182 -17.38 33.24 -19.58
C ASN A 182 -17.97 32.03 -20.30
N CYS A 183 -17.28 31.58 -21.35
CA CYS A 183 -17.74 30.43 -22.14
C CYS A 183 -17.15 29.14 -21.58
N GLN A 184 -17.93 28.07 -21.67
CA GLN A 184 -17.46 26.77 -21.19
C GLN A 184 -16.12 26.48 -21.85
N LYS A 185 -15.10 26.32 -21.02
CA LYS A 185 -13.75 26.04 -21.53
C LYS A 185 -13.42 24.55 -21.43
N LEU A 186 -13.50 23.86 -22.56
CA LEU A 186 -13.23 22.43 -22.62
C LEU A 186 -11.81 22.07 -22.18
N THR A 187 -11.67 20.95 -21.48
CA THR A 187 -10.37 20.48 -20.99
C THR A 187 -10.40 18.96 -20.91
N LYS A 188 -11.38 18.38 -21.58
CA LYS A 188 -11.56 16.95 -21.59
C LYS A 188 -11.63 16.44 -23.01
N ILE A 189 -12.17 17.26 -23.90
CA ILE A 189 -12.32 16.87 -25.29
C ILE A 189 -11.29 17.52 -26.21
N ILE A 190 -10.96 18.78 -25.94
CA ILE A 190 -9.99 19.46 -26.76
C ILE A 190 -8.61 18.87 -26.47
N CYS A 191 -8.62 17.66 -25.93
CA CYS A 191 -7.38 16.95 -25.59
C CYS A 191 -6.89 16.11 -26.77
N ALA A 192 -5.59 15.81 -26.76
CA ALA A 192 -4.96 15.05 -27.82
C ALA A 192 -5.13 13.53 -27.81
N GLN A 193 -5.21 12.97 -29.01
CA GLN A 193 -5.36 11.53 -29.25
C GLN A 193 -5.05 10.67 -28.02
N GLN A 194 -3.84 10.83 -27.51
CA GLN A 194 -3.40 10.06 -26.36
C GLN A 194 -2.85 10.89 -25.20
N CYS A 195 -3.72 11.21 -24.25
CA CYS A 195 -3.27 11.92 -23.06
C CYS A 195 -3.96 11.35 -21.83
N SER A 196 -3.17 11.07 -20.80
CA SER A 196 -3.63 10.52 -19.54
C SER A 196 -5.12 10.75 -19.26
N GLY A 197 -5.47 11.97 -18.89
CA GLY A 197 -6.86 12.29 -18.60
C GLY A 197 -7.30 13.65 -19.10
N ARG A 198 -7.27 14.64 -18.21
CA ARG A 198 -7.69 16.00 -18.55
C ARG A 198 -6.51 16.77 -19.11
N CYS A 199 -6.80 17.84 -19.84
CA CYS A 199 -5.77 18.68 -20.44
C CYS A 199 -6.13 20.15 -20.31
N ARG A 200 -5.10 21.01 -20.37
CA ARG A 200 -5.35 22.44 -20.28
C ARG A 200 -5.11 22.98 -21.67
N GLY A 201 -4.30 22.22 -22.42
CA GLY A 201 -3.99 22.60 -23.79
C GLY A 201 -5.18 22.25 -24.65
N LYS A 202 -5.86 23.30 -25.12
CA LYS A 202 -7.03 23.16 -25.99
C LYS A 202 -6.68 22.37 -27.25
N SER A 203 -5.52 21.74 -27.24
CA SER A 203 -5.04 20.94 -28.37
C SER A 203 -3.61 20.45 -28.18
N PRO A 204 -2.69 21.31 -27.73
CA PRO A 204 -1.29 20.90 -27.54
C PRO A 204 -1.16 19.63 -26.70
N SER A 205 -0.07 18.90 -26.89
CA SER A 205 0.16 17.68 -26.14
C SER A 205 0.76 17.93 -24.77
N ASP A 206 0.59 19.15 -24.27
CA ASP A 206 1.07 19.54 -22.95
C ASP A 206 -0.18 19.59 -22.07
N CYS A 207 -0.68 18.40 -21.78
CA CYS A 207 -1.89 18.18 -21.00
C CYS A 207 -1.66 17.87 -19.51
N CYS A 208 -2.77 17.73 -18.77
CA CYS A 208 -2.75 17.48 -17.33
C CYS A 208 -2.33 16.10 -16.81
N HIS A 209 -1.91 16.09 -15.55
CA HIS A 209 -1.48 14.89 -14.83
C HIS A 209 -2.66 13.93 -14.67
N ASN A 210 -2.37 12.64 -14.77
CA ASN A 210 -3.39 11.60 -14.65
C ASN A 210 -4.29 11.75 -13.44
N GLN A 211 -3.77 12.37 -12.38
CA GLN A 211 -4.52 12.52 -11.14
C GLN A 211 -5.31 13.81 -10.97
N CYS A 212 -5.70 14.46 -12.07
CA CYS A 212 -6.40 15.73 -11.91
C CYS A 212 -7.75 15.94 -12.56
N ALA A 213 -8.67 16.46 -11.75
CA ALA A 213 -10.04 16.77 -12.19
C ALA A 213 -10.05 18.23 -12.65
N ALA A 214 -10.99 18.55 -13.53
CA ALA A 214 -11.06 19.90 -14.07
C ALA A 214 -9.83 20.07 -14.93
N GLY A 215 -8.83 20.80 -14.42
CA GLY A 215 -7.63 21.01 -15.20
C GLY A 215 -6.34 21.06 -14.40
N CYS A 216 -5.41 21.91 -14.84
CA CYS A 216 -4.12 22.03 -14.16
C CYS A 216 -3.32 23.21 -14.72
N THR A 217 -2.83 24.06 -13.84
CA THR A 217 -2.02 25.20 -14.28
C THR A 217 -0.78 24.67 -15.00
N GLY A 218 -0.31 23.51 -14.59
CA GLY A 218 0.86 22.91 -15.20
C GLY A 218 0.63 21.45 -15.54
N PRO A 219 1.67 20.70 -15.96
CA PRO A 219 1.55 19.28 -16.31
C PRO A 219 1.91 18.33 -15.17
N ARG A 220 2.44 18.88 -14.09
CA ARG A 220 2.87 18.08 -12.94
C ARG A 220 1.73 17.60 -12.05
N GLU A 221 2.12 17.06 -10.90
CA GLU A 221 1.19 16.54 -9.92
C GLU A 221 0.90 17.59 -8.85
N SER A 222 1.73 18.63 -8.85
CA SER A 222 1.60 19.72 -7.89
C SER A 222 0.77 20.88 -8.45
N ASP A 223 0.74 20.98 -9.77
CA ASP A 223 -0.01 22.05 -10.44
C ASP A 223 -1.34 21.53 -10.97
N CYS A 224 -2.37 21.56 -10.11
CA CYS A 224 -3.70 21.08 -10.49
C CYS A 224 -4.84 21.82 -9.84
N LEU A 225 -5.87 22.09 -10.62
CA LEU A 225 -7.04 22.80 -10.13
C LEU A 225 -7.58 22.11 -8.87
N VAL A 226 -8.00 20.86 -9.03
CA VAL A 226 -8.52 20.09 -7.89
C VAL A 226 -8.11 18.64 -8.01
N CYS A 227 -7.69 18.05 -6.89
CA CYS A 227 -7.26 16.66 -6.91
C CYS A 227 -8.45 15.75 -7.06
N ARG A 228 -8.25 14.66 -7.82
CA ARG A 228 -9.30 13.69 -8.06
C ARG A 228 -9.53 12.80 -6.86
N LYS A 229 -8.45 12.30 -6.28
CA LYS A 229 -8.55 11.42 -5.12
C LYS A 229 -7.90 11.96 -3.86
N PHE A 230 -6.73 11.45 -3.52
CA PHE A 230 -6.04 11.89 -2.31
C PHE A 230 -5.17 13.11 -2.47
N ARG A 231 -5.32 14.03 -1.52
CA ARG A 231 -4.53 15.26 -1.50
C ARG A 231 -3.46 15.12 -0.42
N ASP A 232 -2.22 14.95 -0.85
CA ASP A 232 -1.10 14.80 0.08
C ASP A 232 -0.29 16.08 -0.01
N GLU A 233 -0.41 16.92 1.01
CA GLU A 233 0.29 18.20 1.04
C GLU A 233 -0.09 18.96 -0.22
N ALA A 234 0.89 19.44 -0.96
CA ALA A 234 0.63 20.22 -2.18
C ALA A 234 0.40 19.37 -3.43
N THR A 235 0.49 18.06 -3.28
CA THR A 235 0.34 17.16 -4.41
C THR A 235 -0.93 16.29 -4.43
N CYS A 236 -1.27 15.80 -5.62
CA CYS A 236 -2.44 14.94 -5.80
C CYS A 236 -1.94 13.51 -5.88
N LYS A 237 -2.44 12.63 -5.03
CA LYS A 237 -2.00 11.24 -5.02
C LYS A 237 -3.14 10.27 -5.29
N ASP A 238 -2.79 9.09 -5.83
CA ASP A 238 -3.76 8.04 -6.13
C ASP A 238 -3.97 7.26 -4.84
N THR A 239 -2.86 6.98 -4.19
CA THR A 239 -2.85 6.26 -2.93
C THR A 239 -1.74 6.97 -2.17
N CYS A 240 -1.77 6.93 -0.86
CA CYS A 240 -0.73 7.63 -0.16
C CYS A 240 0.44 6.81 0.37
N PRO A 241 1.65 7.38 0.24
CA PRO A 241 2.93 6.80 0.64
C PRO A 241 2.85 5.73 1.71
N PRO A 242 3.02 4.46 1.31
CA PRO A 242 2.97 3.35 2.26
C PRO A 242 4.07 3.52 3.29
N LEU A 243 3.75 3.19 4.54
CA LEU A 243 4.73 3.32 5.60
C LEU A 243 5.83 2.32 5.32
N MET A 244 5.50 1.33 4.51
CA MET A 244 6.44 0.27 4.17
C MET A 244 6.42 -0.03 2.68
N LEU A 245 7.60 0.04 2.08
CA LEU A 245 7.74 -0.26 0.67
C LEU A 245 8.42 -1.63 0.57
N TYR A 246 8.11 -2.38 -0.48
CA TYR A 246 8.72 -3.68 -0.67
C TYR A 246 10.11 -3.48 -1.25
N ASN A 247 10.98 -4.44 -1.04
CA ASN A 247 12.32 -4.34 -1.59
C ASN A 247 12.55 -5.50 -2.56
N PRO A 248 12.48 -5.21 -3.86
CA PRO A 248 12.66 -6.18 -4.95
C PRO A 248 13.96 -6.95 -4.89
N THR A 249 14.97 -6.35 -4.27
CA THR A 249 16.28 -6.97 -4.16
C THR A 249 16.33 -8.01 -3.05
N THR A 250 15.81 -7.66 -1.88
CA THR A 250 15.83 -8.56 -0.74
C THR A 250 14.52 -9.28 -0.43
N TYR A 251 13.54 -9.15 -1.32
CA TYR A 251 12.26 -9.80 -1.15
C TYR A 251 11.70 -9.63 0.26
N GLN A 252 12.05 -8.52 0.90
CA GLN A 252 11.54 -8.24 2.24
C GLN A 252 10.96 -6.82 2.24
N MET A 253 10.39 -6.43 3.37
CA MET A 253 9.78 -5.11 3.47
C MET A 253 10.61 -4.06 4.24
N ASP A 254 10.68 -2.84 3.70
CA ASP A 254 11.42 -1.73 4.32
C ASP A 254 10.47 -0.61 4.72
N VAL A 255 10.93 0.28 5.60
CA VAL A 255 10.09 1.40 6.02
C VAL A 255 10.28 2.55 5.03
N ASN A 256 9.21 3.33 4.83
CA ASN A 256 9.22 4.46 3.89
C ASN A 256 9.20 5.81 4.57
N PRO A 257 10.30 6.58 4.44
CA PRO A 257 10.44 7.91 5.03
C PRO A 257 9.32 8.88 4.65
N GLU A 258 8.95 8.89 3.38
CA GLU A 258 7.89 9.77 2.90
C GLU A 258 6.52 9.11 3.08
N GLY A 259 6.43 8.19 4.04
CA GLY A 259 5.18 7.49 4.28
C GLY A 259 4.21 8.26 5.15
N LYS A 260 2.95 8.33 4.71
CA LYS A 260 1.91 9.03 5.44
C LYS A 260 0.72 8.14 5.74
N TYR A 261 -0.12 8.60 6.68
CA TYR A 261 -1.32 7.90 7.08
C TYR A 261 -2.47 8.43 6.22
N SER A 262 -3.49 7.62 6.00
CA SER A 262 -4.60 8.06 5.17
C SER A 262 -5.82 8.41 5.98
N PHE A 263 -6.10 9.70 6.02
CA PHE A 263 -7.24 10.22 6.73
C PHE A 263 -8.14 10.84 5.67
N GLY A 264 -9.35 10.31 5.53
CA GLY A 264 -10.26 10.84 4.53
C GLY A 264 -9.68 10.87 3.12
N ALA A 265 -9.52 12.07 2.58
CA ALA A 265 -8.96 12.24 1.25
C ALA A 265 -7.61 12.91 1.37
N THR A 266 -7.32 13.40 2.57
CA THR A 266 -6.05 14.06 2.83
C THR A 266 -5.07 13.01 3.30
N CYS A 267 -3.79 13.34 3.30
CA CYS A 267 -2.77 12.39 3.74
C CYS A 267 -1.92 12.95 4.87
N VAL A 268 -2.28 12.57 6.09
CA VAL A 268 -1.65 13.01 7.33
C VAL A 268 -0.34 12.32 7.69
N LYS A 269 0.34 12.87 8.70
CA LYS A 269 1.59 12.31 9.18
C LYS A 269 1.30 11.38 10.34
N LYS A 270 0.20 11.68 11.06
CA LYS A 270 -0.26 10.86 12.18
C LYS A 270 -1.78 10.92 12.23
N CYS A 271 -2.40 9.83 12.65
CA CYS A 271 -3.85 9.82 12.73
C CYS A 271 -4.37 10.55 13.96
N PRO A 272 -5.56 11.16 13.84
CA PRO A 272 -6.17 11.88 14.95
C PRO A 272 -6.27 10.95 16.14
N ARG A 273 -5.81 11.43 17.29
CA ARG A 273 -5.82 10.63 18.52
C ARG A 273 -7.01 9.67 18.75
N ASN A 274 -8.16 9.91 18.11
CA ASN A 274 -9.34 9.04 18.34
C ASN A 274 -9.66 7.98 17.29
N TYR A 275 -9.02 8.06 16.13
CA TYR A 275 -9.25 7.07 15.09
C TYR A 275 -8.37 5.85 15.27
N VAL A 276 -8.76 4.75 14.65
CA VAL A 276 -8.01 3.50 14.71
C VAL A 276 -6.94 3.47 13.64
N VAL A 277 -5.70 3.17 14.05
CA VAL A 277 -4.60 3.11 13.11
C VAL A 277 -4.26 1.66 12.75
N THR A 278 -4.48 1.31 11.49
CA THR A 278 -4.19 -0.04 11.03
C THR A 278 -2.71 -0.16 10.68
N ASP A 279 -2.14 -1.33 10.97
CA ASP A 279 -0.73 -1.57 10.69
C ASP A 279 -0.42 -1.16 9.25
N HIS A 280 -1.44 -1.25 8.40
CA HIS A 280 -1.31 -0.87 7.00
C HIS A 280 -0.79 0.58 6.94
N GLY A 281 -1.45 1.47 7.67
CA GLY A 281 -1.06 2.87 7.69
C GLY A 281 -2.19 3.80 7.28
N SER A 282 -3.42 3.50 7.68
CA SER A 282 -4.56 4.32 7.34
C SER A 282 -5.43 4.50 8.57
N CYS A 283 -6.11 5.63 8.67
CA CYS A 283 -6.97 5.89 9.83
C CYS A 283 -8.38 5.42 9.50
N VAL A 284 -8.95 4.59 10.36
CA VAL A 284 -10.30 4.10 10.12
C VAL A 284 -11.18 4.35 11.35
N ARG A 285 -12.47 4.17 11.19
CA ARG A 285 -13.40 4.40 12.29
C ARG A 285 -13.87 3.12 13.00
N ALA A 286 -13.35 1.97 12.57
CA ALA A 286 -13.72 0.70 13.19
C ALA A 286 -12.85 -0.47 12.74
N CYS A 287 -12.52 -1.36 13.68
CA CYS A 287 -11.71 -2.53 13.39
C CYS A 287 -12.63 -3.64 12.89
N GLY A 288 -12.10 -4.52 12.06
CA GLY A 288 -12.88 -5.61 11.51
C GLY A 288 -13.86 -6.29 12.46
N ALA A 289 -14.79 -7.05 11.88
CA ALA A 289 -15.79 -7.77 12.66
C ALA A 289 -15.10 -8.88 13.43
N ASP A 290 -13.88 -9.19 13.00
CA ASP A 290 -13.08 -10.23 13.63
C ASP A 290 -11.89 -9.63 14.36
N SER A 291 -12.12 -8.59 15.16
CA SER A 291 -11.02 -7.97 15.88
C SER A 291 -11.39 -7.23 17.17
N TYR A 292 -10.38 -6.63 17.78
CA TYR A 292 -10.49 -5.90 19.04
C TYR A 292 -10.09 -4.45 18.77
N GLU A 293 -9.56 -3.79 19.80
CA GLU A 293 -9.08 -2.41 19.71
C GLU A 293 -8.20 -2.14 20.92
N MET A 294 -7.21 -3.01 21.11
CA MET A 294 -6.29 -2.87 22.24
C MET A 294 -5.29 -1.77 21.95
N GLU A 295 -5.71 -0.53 22.21
CA GLU A 295 -4.83 0.61 21.98
C GLU A 295 -3.52 0.28 22.66
N GLU A 296 -2.40 0.63 22.02
CA GLU A 296 -1.11 0.32 22.61
C GLU A 296 -0.31 1.57 22.98
N ASP A 297 0.67 1.91 22.15
CA ASP A 297 1.53 3.05 22.38
C ASP A 297 0.76 4.37 22.35
N GLY A 298 -0.33 4.43 23.10
CA GLY A 298 -1.14 5.64 23.14
C GLY A 298 -2.05 5.73 21.92
N VAL A 299 -1.73 4.95 20.88
CA VAL A 299 -2.50 4.92 19.64
C VAL A 299 -3.35 3.65 19.55
N ARG A 300 -4.62 3.82 19.24
CA ARG A 300 -5.49 2.68 19.15
C ARG A 300 -5.12 1.78 17.99
N LYS A 301 -5.07 0.49 18.26
CA LYS A 301 -4.77 -0.51 17.24
C LYS A 301 -5.60 -1.76 17.54
N CYS A 302 -5.44 -2.83 16.77
CA CYS A 302 -6.20 -4.05 17.03
C CYS A 302 -5.61 -5.33 16.44
N LYS A 303 -6.08 -6.46 16.98
CA LYS A 303 -5.64 -7.77 16.53
C LYS A 303 -6.87 -8.65 16.32
N LYS A 304 -6.86 -9.44 15.25
CA LYS A 304 -7.98 -10.32 14.94
C LYS A 304 -8.25 -11.36 16.01
N CYS A 305 -9.52 -11.61 16.29
CA CYS A 305 -9.91 -12.60 17.29
C CYS A 305 -10.21 -13.92 16.57
N GLU A 306 -11.01 -14.77 17.20
CA GLU A 306 -11.37 -16.05 16.61
C GLU A 306 -12.80 -15.97 16.07
N GLY A 307 -12.93 -15.65 14.78
CA GLY A 307 -14.24 -15.53 14.17
C GLY A 307 -15.02 -14.39 14.80
N PRO A 308 -16.34 -14.54 15.01
CA PRO A 308 -17.14 -13.47 15.62
C PRO A 308 -16.53 -13.06 16.95
N CYS A 309 -16.32 -11.77 17.14
CA CYS A 309 -15.72 -11.29 18.40
C CYS A 309 -16.75 -10.68 19.34
N ARG A 310 -16.30 -10.26 20.52
CA ARG A 310 -17.16 -9.69 21.55
C ARG A 310 -18.13 -8.57 21.16
N LYS A 311 -19.24 -8.98 20.53
CA LYS A 311 -20.32 -8.09 20.09
C LYS A 311 -19.95 -6.72 19.53
N VAL A 312 -20.28 -6.52 18.25
CA VAL A 312 -20.01 -5.25 17.58
C VAL A 312 -21.24 -4.81 16.79
N CYS A 313 -22.14 -4.11 17.48
CA CYS A 313 -23.37 -3.61 16.91
C CYS A 313 -23.13 -2.34 16.10
N ASN A 314 -23.85 -2.20 14.99
CA ASN A 314 -23.65 -1.06 14.13
C ASN A 314 -24.02 0.30 14.68
N GLY A 315 -25.21 0.44 15.22
CA GLY A 315 -25.61 1.73 15.75
C GLY A 315 -26.35 2.51 14.68
N ILE A 316 -27.52 3.01 15.06
CA ILE A 316 -28.38 3.74 14.15
C ILE A 316 -27.64 4.54 13.10
N GLY A 317 -28.23 4.60 11.90
CA GLY A 317 -27.67 5.35 10.80
C GLY A 317 -26.54 4.75 9.98
N ILE A 318 -26.33 3.44 10.08
CA ILE A 318 -25.25 2.83 9.32
C ILE A 318 -25.62 1.43 8.85
N GLY A 319 -25.08 1.03 7.70
CA GLY A 319 -25.34 -0.28 7.15
C GLY A 319 -26.77 -0.78 7.31
N GLU A 320 -26.96 -1.74 8.20
CA GLU A 320 -28.29 -2.30 8.44
C GLU A 320 -29.27 -1.30 9.04
N PHE A 321 -28.88 -0.03 9.13
CA PHE A 321 -29.73 1.01 9.69
C PHE A 321 -29.69 2.33 8.95
N LYS A 322 -28.96 2.37 7.84
CA LYS A 322 -28.83 3.58 7.04
C LYS A 322 -30.16 4.32 6.84
N ASP A 323 -31.27 3.61 6.98
CA ASP A 323 -32.59 4.22 6.80
C ASP A 323 -33.34 4.60 8.08
N SER A 324 -32.99 3.95 9.20
CA SER A 324 -33.65 4.23 10.47
C SER A 324 -33.14 5.51 11.15
N LEU A 325 -34.04 6.28 11.74
CA LEU A 325 -33.60 7.50 12.38
C LEU A 325 -33.80 7.51 13.87
N SER A 326 -34.04 6.32 14.43
CA SER A 326 -34.16 6.21 15.87
C SER A 326 -34.30 4.80 16.39
N ILE A 327 -33.60 4.53 17.48
CA ILE A 327 -33.66 3.25 18.13
C ILE A 327 -35.16 3.08 18.43
N ASN A 328 -35.72 1.93 18.05
CA ASN A 328 -37.14 1.69 18.29
C ASN A 328 -37.44 0.20 18.26
N ALA A 329 -38.66 -0.14 18.66
CA ALA A 329 -39.09 -1.54 18.70
C ALA A 329 -38.69 -2.33 17.46
N THR A 330 -39.26 -1.96 16.32
CA THR A 330 -38.99 -2.63 15.06
C THR A 330 -37.68 -3.40 15.05
N ASN A 331 -36.58 -2.72 15.37
CA ASN A 331 -35.28 -3.37 15.41
C ASN A 331 -34.34 -2.81 16.48
N ILE A 332 -34.78 -2.88 17.73
CA ILE A 332 -33.95 -2.43 18.83
C ILE A 332 -33.31 -3.73 19.29
N LYS A 333 -34.02 -4.81 18.98
CA LYS A 333 -33.63 -6.17 19.30
C LYS A 333 -32.15 -6.39 18.98
N HIS A 334 -31.68 -5.75 17.92
CA HIS A 334 -30.30 -5.88 17.48
C HIS A 334 -29.28 -5.20 18.39
N PHE A 335 -29.68 -4.91 19.62
CA PHE A 335 -28.80 -4.28 20.59
C PHE A 335 -28.88 -5.05 21.91
N LYS A 336 -29.25 -6.32 21.81
CA LYS A 336 -29.39 -7.17 22.98
C LYS A 336 -28.16 -7.25 23.87
N ASN A 337 -27.02 -7.66 23.32
CA ASN A 337 -25.82 -7.74 24.15
C ASN A 337 -24.62 -6.98 23.61
N CYS A 338 -24.77 -5.68 23.36
CA CYS A 338 -23.68 -4.88 22.83
C CYS A 338 -22.92 -4.24 23.98
N THR A 339 -21.62 -4.08 23.82
CA THR A 339 -20.79 -3.42 24.82
C THR A 339 -20.18 -2.24 24.09
N SER A 340 -20.36 -2.24 22.78
CA SER A 340 -19.84 -1.17 21.95
C SER A 340 -20.74 -0.97 20.74
N ILE A 341 -21.24 0.25 20.58
CA ILE A 341 -22.07 0.59 19.44
C ILE A 341 -21.08 1.14 18.46
N SER A 342 -20.99 0.53 17.28
CA SER A 342 -20.03 0.97 16.28
C SER A 342 -20.56 2.05 15.36
N GLY A 343 -21.27 3.00 15.95
CA GLY A 343 -21.83 4.10 15.19
C GLY A 343 -22.39 5.16 16.13
N ASP A 344 -23.54 5.70 15.78
CA ASP A 344 -24.18 6.71 16.61
C ASP A 344 -25.43 6.11 17.25
N LEU A 345 -26.05 6.86 18.15
CA LEU A 345 -27.24 6.41 18.83
C LEU A 345 -28.26 7.52 18.89
N HIS A 346 -29.32 7.38 18.09
CA HIS A 346 -30.37 8.37 18.05
C HIS A 346 -31.61 7.92 18.83
N ILE A 347 -31.80 8.44 20.04
CA ILE A 347 -33.01 8.12 20.78
C ILE A 347 -33.93 9.31 20.56
N LEU A 348 -34.90 9.17 19.66
CA LEU A 348 -35.82 10.26 19.32
C LEU A 348 -37.25 10.13 19.80
N PRO A 349 -37.99 11.24 19.81
CA PRO A 349 -39.38 11.27 20.25
C PRO A 349 -40.25 10.26 19.53
N VAL A 350 -40.19 10.29 18.20
CA VAL A 350 -40.99 9.39 17.38
C VAL A 350 -40.82 7.93 17.76
N ALA A 351 -39.65 7.60 18.29
CA ALA A 351 -39.40 6.24 18.70
C ALA A 351 -40.45 5.82 19.72
N PHE A 352 -40.61 6.64 20.75
CA PHE A 352 -41.56 6.36 21.83
C PHE A 352 -43.04 6.48 21.49
N ARG A 353 -43.37 7.15 20.39
CA ARG A 353 -44.76 7.30 20.01
C ARG A 353 -45.11 6.51 18.76
N GLY A 354 -44.10 5.92 18.16
CA GLY A 354 -44.31 5.11 16.97
C GLY A 354 -44.60 5.92 15.72
N ASP A 355 -43.84 5.70 14.66
CA ASP A 355 -44.05 6.42 13.43
C ASP A 355 -44.95 5.63 12.49
N SER A 356 -46.16 6.13 12.27
CA SER A 356 -47.11 5.46 11.39
C SER A 356 -46.70 5.65 9.94
N PHE A 357 -45.59 6.34 9.72
CA PHE A 357 -45.11 6.58 8.38
C PHE A 357 -44.09 5.52 8.00
N THR A 358 -43.39 5.01 9.02
CA THR A 358 -42.37 3.98 8.85
C THR A 358 -42.91 2.63 9.32
N HIS A 359 -44.14 2.63 9.79
CA HIS A 359 -44.77 1.41 10.25
C HIS A 359 -43.95 0.81 11.38
N THR A 360 -43.97 1.48 12.52
CA THR A 360 -43.22 0.99 13.67
C THR A 360 -43.97 1.24 14.96
N PRO A 361 -44.17 0.19 15.77
CA PRO A 361 -44.88 0.34 17.04
C PRO A 361 -44.10 1.18 18.05
N PRO A 362 -44.81 1.89 18.94
CA PRO A 362 -44.15 2.72 19.95
C PRO A 362 -43.20 1.86 20.79
N LEU A 363 -41.98 2.36 21.01
CA LEU A 363 -40.99 1.64 21.81
C LEU A 363 -41.41 1.43 23.26
N ASP A 364 -41.21 0.20 23.73
CA ASP A 364 -41.57 -0.15 25.10
C ASP A 364 -40.49 0.38 26.02
N PRO A 365 -40.80 1.45 26.77
CA PRO A 365 -39.86 2.06 27.70
C PRO A 365 -38.93 1.04 28.35
N GLN A 366 -39.51 -0.07 28.82
CA GLN A 366 -38.76 -1.13 29.48
C GLN A 366 -37.61 -1.66 28.63
N GLU A 367 -37.77 -1.57 27.31
CA GLU A 367 -36.74 -2.06 26.39
C GLU A 367 -35.41 -1.29 26.45
N LEU A 368 -35.43 -0.02 26.83
CA LEU A 368 -34.19 0.76 26.90
C LEU A 368 -33.24 0.14 27.91
N ASP A 369 -33.77 -0.74 28.77
CA ASP A 369 -32.92 -1.40 29.75
C ASP A 369 -31.89 -2.23 29.02
N ILE A 370 -32.25 -2.66 27.81
CA ILE A 370 -31.36 -3.46 26.96
C ILE A 370 -29.97 -2.84 26.87
N LEU A 371 -29.94 -1.56 26.53
CA LEU A 371 -28.71 -0.81 26.36
C LEU A 371 -27.85 -0.73 27.62
N LYS A 372 -28.44 -1.03 28.77
CA LYS A 372 -27.72 -0.96 30.02
C LYS A 372 -26.39 -1.70 30.00
N THR A 373 -26.08 -2.31 28.85
CA THR A 373 -24.84 -3.06 28.70
C THR A 373 -23.83 -2.38 27.78
N VAL A 374 -24.20 -1.24 27.22
CA VAL A 374 -23.29 -0.52 26.33
C VAL A 374 -22.20 0.16 27.13
N LYS A 375 -20.96 -0.07 26.74
CA LYS A 375 -19.81 0.48 27.43
C LYS A 375 -19.20 1.64 26.67
N GLU A 376 -19.32 1.64 25.34
CA GLU A 376 -18.75 2.72 24.55
C GLU A 376 -19.42 2.92 23.19
N ILE A 377 -19.45 4.17 22.75
CA ILE A 377 -20.04 4.53 21.46
C ILE A 377 -19.00 5.18 20.57
N THR A 378 -18.48 4.44 19.60
CA THR A 378 -17.47 4.95 18.70
C THR A 378 -17.83 6.24 17.98
N GLY A 379 -19.12 6.59 17.99
CA GLY A 379 -19.55 7.80 17.32
C GLY A 379 -20.17 8.85 18.22
N PHE A 380 -21.41 9.22 17.93
CA PHE A 380 -22.07 10.22 18.76
C PHE A 380 -23.37 9.70 19.36
N LEU A 381 -23.67 10.19 20.56
CA LEU A 381 -24.87 9.81 21.27
C LEU A 381 -25.85 10.99 21.34
N LEU A 382 -26.91 10.92 20.54
CA LEU A 382 -27.93 11.97 20.52
C LEU A 382 -29.21 11.44 21.20
N ILE A 383 -29.78 12.25 22.09
CA ILE A 383 -30.99 11.89 22.80
C ILE A 383 -31.92 13.10 22.92
N GLN A 384 -32.98 13.12 22.11
CA GLN A 384 -33.94 14.21 22.11
C GLN A 384 -35.26 13.76 22.76
N ALA A 385 -35.22 12.62 23.44
CA ALA A 385 -36.40 12.06 24.10
C ALA A 385 -35.99 11.14 25.23
N TRP A 386 -36.98 10.58 25.93
CA TRP A 386 -36.75 9.67 27.05
C TRP A 386 -38.09 9.44 27.71
N PRO A 387 -38.29 8.25 28.30
CA PRO A 387 -39.55 7.92 28.98
C PRO A 387 -39.97 8.96 30.02
N GLU A 388 -41.26 9.23 30.09
CA GLU A 388 -41.78 10.23 31.01
C GLU A 388 -41.52 9.93 32.49
N ASN A 389 -42.28 8.99 33.05
CA ASN A 389 -42.16 8.64 34.46
C ASN A 389 -40.82 8.07 34.93
N ARG A 390 -39.71 8.64 34.45
CA ARG A 390 -38.37 8.18 34.83
C ARG A 390 -37.39 9.36 34.77
N THR A 391 -36.67 9.60 35.85
CA THR A 391 -35.73 10.73 35.92
C THR A 391 -34.24 10.35 35.99
N ASP A 392 -33.73 9.75 34.92
CA ASP A 392 -32.33 9.33 34.90
C ASP A 392 -32.01 8.60 33.59
N LEU A 393 -30.93 8.99 32.92
CA LEU A 393 -30.51 8.32 31.69
C LEU A 393 -29.88 6.99 32.11
N HIS A 394 -30.72 6.08 32.57
CA HIS A 394 -30.29 4.78 33.05
C HIS A 394 -29.63 3.84 32.03
N ALA A 395 -30.32 3.53 30.94
CA ALA A 395 -29.78 2.64 29.93
C ALA A 395 -28.30 2.89 29.66
N PHE A 396 -27.84 4.10 29.98
CA PHE A 396 -26.45 4.45 29.76
C PHE A 396 -25.71 4.67 31.07
N GLU A 397 -26.01 3.84 32.06
CA GLU A 397 -25.37 3.93 33.36
C GLU A 397 -23.96 3.37 33.32
N ASN A 398 -23.71 2.47 32.37
CA ASN A 398 -22.39 1.87 32.26
C ASN A 398 -21.60 2.35 31.06
N LEU A 399 -22.10 3.38 30.39
CA LEU A 399 -21.40 3.94 29.23
C LEU A 399 -20.18 4.59 29.84
N GLU A 400 -19.00 4.25 29.33
CA GLU A 400 -17.75 4.79 29.86
C GLU A 400 -16.99 5.65 28.87
N ILE A 401 -17.30 5.49 27.58
CA ILE A 401 -16.60 6.26 26.57
C ILE A 401 -17.39 6.58 25.30
N ILE A 402 -17.27 7.83 24.86
CA ILE A 402 -17.90 8.28 23.64
C ILE A 402 -16.74 8.79 22.81
N ARG A 403 -16.32 8.01 21.82
CA ARG A 403 -15.20 8.36 20.98
C ARG A 403 -15.36 9.58 20.08
N GLY A 404 -16.57 9.86 19.63
CA GLY A 404 -16.76 11.01 18.76
C GLY A 404 -15.93 10.89 17.49
N ARG A 405 -16.10 9.80 16.76
CA ARG A 405 -15.38 9.60 15.51
C ARG A 405 -16.30 10.23 14.49
N THR A 406 -17.54 10.36 14.90
CA THR A 406 -18.61 10.93 14.09
C THR A 406 -19.48 11.77 15.05
N LYS A 407 -19.88 12.97 14.64
CA LYS A 407 -20.66 13.84 15.51
C LYS A 407 -21.91 14.41 14.84
N GLN A 408 -22.80 14.98 15.65
CA GLN A 408 -24.03 15.57 15.13
C GLN A 408 -23.71 16.87 14.44
N HIS A 409 -24.37 17.12 13.31
CA HIS A 409 -24.15 18.33 12.51
C HIS A 409 -22.64 18.46 12.32
N GLY A 410 -21.94 17.35 12.55
CA GLY A 410 -20.51 17.33 12.42
C GLY A 410 -19.81 17.99 13.59
N GLN A 411 -20.58 18.34 14.60
CA GLN A 411 -20.01 19.04 15.75
C GLN A 411 -20.19 18.44 17.11
N PHE A 412 -21.38 17.95 17.42
CA PHE A 412 -21.67 17.39 18.74
C PHE A 412 -21.55 15.87 18.90
N SER A 413 -20.85 15.45 19.94
CA SER A 413 -20.64 14.04 20.26
C SER A 413 -21.59 13.53 21.36
N LEU A 414 -22.04 14.42 22.23
CA LEU A 414 -23.00 14.06 23.27
C LEU A 414 -24.03 15.17 23.21
N ALA A 415 -25.30 14.79 23.12
CA ALA A 415 -26.34 15.78 23.04
C ALA A 415 -27.59 15.34 23.78
N VAL A 416 -27.76 15.85 24.98
CA VAL A 416 -28.93 15.53 25.78
C VAL A 416 -29.74 16.82 25.77
N VAL A 417 -30.74 16.91 24.90
CA VAL A 417 -31.54 18.13 24.85
C VAL A 417 -33.03 17.91 24.93
N SER A 418 -33.69 18.74 25.73
CA SER A 418 -35.15 18.74 25.88
C SER A 418 -35.83 17.69 26.76
N LEU A 419 -35.08 17.05 27.65
CA LEU A 419 -35.67 16.03 28.51
C LEU A 419 -36.25 16.59 29.82
N ASN A 420 -37.03 15.77 30.52
CA ASN A 420 -37.61 16.18 31.79
C ASN A 420 -36.85 15.53 32.93
N ILE A 421 -35.82 14.76 32.60
CA ILE A 421 -35.04 14.07 33.61
C ILE A 421 -34.55 15.03 34.68
N THR A 422 -34.46 14.53 35.90
CA THR A 422 -34.00 15.32 37.03
C THR A 422 -32.47 15.43 36.97
N SER A 423 -31.82 14.40 36.44
CA SER A 423 -30.36 14.38 36.30
C SER A 423 -29.92 13.47 35.16
N LEU A 424 -28.64 13.57 34.80
CA LEU A 424 -28.08 12.75 33.73
C LEU A 424 -27.97 11.31 34.19
N GLY A 425 -27.00 11.05 35.05
CA GLY A 425 -26.81 9.71 35.58
C GLY A 425 -25.80 8.88 34.84
N LEU A 426 -24.99 9.52 33.99
CA LEU A 426 -23.97 8.82 33.22
C LEU A 426 -22.76 8.55 34.10
N ARG A 427 -23.03 8.32 35.38
CA ARG A 427 -21.99 8.06 36.40
C ARG A 427 -20.89 7.07 36.07
N SER A 428 -20.77 6.67 34.80
CA SER A 428 -19.71 5.74 34.41
C SER A 428 -18.87 6.37 33.32
N LEU A 429 -19.41 7.43 32.75
CA LEU A 429 -18.72 8.16 31.69
C LEU A 429 -17.39 8.71 32.19
N LYS A 430 -16.33 8.40 31.47
CA LYS A 430 -15.00 8.85 31.84
C LYS A 430 -14.24 9.37 30.63
N GLU A 431 -14.88 9.39 29.47
CA GLU A 431 -14.20 9.87 28.29
C GLU A 431 -15.10 10.31 27.14
N ILE A 432 -14.80 11.47 26.58
CA ILE A 432 -15.52 11.99 25.44
C ILE A 432 -14.47 12.46 24.43
N SER A 433 -13.67 11.50 23.98
CA SER A 433 -12.58 11.67 23.04
C SER A 433 -12.59 12.92 22.16
N ASP A 434 -13.73 13.24 21.55
CA ASP A 434 -13.84 14.42 20.69
C ASP A 434 -15.29 14.87 20.57
N GLY A 435 -15.51 15.96 19.85
CA GLY A 435 -16.86 16.49 19.69
C GLY A 435 -17.22 17.35 20.87
N ASP A 436 -18.27 18.16 20.74
CA ASP A 436 -18.71 19.02 21.84
C ASP A 436 -19.91 18.45 22.57
N VAL A 437 -20.08 18.84 23.82
CA VAL A 437 -21.21 18.38 24.61
C VAL A 437 -22.25 19.49 24.69
N ILE A 438 -23.49 19.17 24.37
CA ILE A 438 -24.54 20.16 24.48
C ILE A 438 -25.68 19.54 25.28
N ILE A 439 -26.01 20.19 26.39
CA ILE A 439 -27.08 19.74 27.29
C ILE A 439 -27.94 20.95 27.62
N SER A 440 -29.14 21.02 27.06
CA SER A 440 -29.98 22.17 27.31
C SER A 440 -31.47 21.89 27.21
N GLY A 441 -32.28 22.91 27.51
CA GLY A 441 -33.72 22.77 27.46
C GLY A 441 -34.29 21.74 28.41
N ASN A 442 -33.45 21.21 29.30
CA ASN A 442 -33.90 20.20 30.25
C ASN A 442 -34.49 20.83 31.51
N LYS A 443 -35.72 21.33 31.37
CA LYS A 443 -36.44 22.00 32.45
C LYS A 443 -35.92 21.80 33.87
N ASN A 444 -36.11 20.61 34.42
CA ASN A 444 -35.68 20.33 35.79
C ASN A 444 -34.52 19.35 35.90
N LEU A 445 -33.38 19.75 35.36
CA LEU A 445 -32.17 18.93 35.41
C LEU A 445 -31.05 19.72 36.08
N CYS A 446 -30.61 19.25 37.24
CA CYS A 446 -29.54 19.96 37.94
C CYS A 446 -28.24 19.15 37.90
N TYR A 447 -27.25 19.62 38.64
CA TYR A 447 -25.93 18.98 38.72
C TYR A 447 -25.06 19.13 37.47
N ALA A 448 -25.70 19.19 36.30
CA ALA A 448 -25.01 19.31 35.02
C ALA A 448 -23.94 20.40 34.95
N ASN A 449 -24.28 21.58 35.45
CA ASN A 449 -23.37 22.71 35.44
C ASN A 449 -22.14 22.52 36.34
N THR A 450 -21.86 21.28 36.74
CA THR A 450 -20.72 21.05 37.62
C THR A 450 -19.84 19.86 37.23
N ILE A 451 -19.80 19.53 35.94
CA ILE A 451 -19.05 18.36 35.49
C ILE A 451 -17.55 18.47 35.23
N ASN A 452 -17.00 19.67 35.18
CA ASN A 452 -15.57 19.79 34.87
C ASN A 452 -15.30 18.92 33.68
N TRP A 453 -15.99 19.17 32.58
CA TRP A 453 -15.75 18.36 31.41
C TRP A 453 -14.31 18.49 30.93
N LYS A 454 -13.65 19.59 31.26
CA LYS A 454 -12.27 19.81 30.80
C LYS A 454 -11.33 18.65 31.12
N LYS A 455 -11.89 17.59 31.70
CA LYS A 455 -11.14 16.40 32.08
C LYS A 455 -11.75 15.18 31.40
N LEU A 456 -13.08 15.17 31.38
CA LEU A 456 -13.84 14.08 30.80
C LEU A 456 -13.55 13.86 29.31
N PHE A 457 -12.93 14.83 28.65
CA PHE A 457 -12.63 14.67 27.22
C PHE A 457 -11.32 15.27 26.80
N GLY A 458 -10.73 14.74 25.73
CA GLY A 458 -9.42 15.23 25.32
C GLY A 458 -9.11 15.56 23.87
N THR A 459 -9.41 16.80 23.48
CA THR A 459 -9.10 17.27 22.13
C THR A 459 -9.25 18.79 22.05
N SER A 460 -8.30 19.42 21.37
CA SER A 460 -8.33 20.87 21.20
C SER A 460 -9.64 21.36 20.59
N GLY A 461 -10.32 22.26 21.29
CA GLY A 461 -11.55 22.81 20.75
C GLY A 461 -12.86 22.31 21.30
N GLN A 462 -12.81 21.31 22.16
CA GLN A 462 -14.07 20.80 22.68
C GLN A 462 -14.75 21.78 23.62
N LYS A 463 -15.90 22.27 23.17
CA LYS A 463 -16.71 23.22 23.94
C LYS A 463 -17.86 22.50 24.67
N THR A 464 -18.68 23.27 25.38
CA THR A 464 -19.78 22.70 26.15
C THR A 464 -20.98 23.62 26.32
N LYS A 465 -21.84 23.68 25.31
CA LYS A 465 -23.04 24.51 25.36
C LYS A 465 -24.12 23.86 26.25
N ILE A 466 -23.97 23.99 27.57
CA ILE A 466 -24.94 23.44 28.51
C ILE A 466 -25.80 24.56 29.10
N ILE A 467 -26.86 24.94 28.41
CA ILE A 467 -27.70 26.03 28.90
C ILE A 467 -29.19 25.76 29.12
N SER A 468 -29.88 26.82 29.54
CA SER A 468 -31.32 26.80 29.79
C SER A 468 -31.86 25.50 30.34
N ASN A 469 -31.51 25.18 31.58
CA ASN A 469 -32.00 23.98 32.23
C ASN A 469 -32.83 24.31 33.46
N ARG A 470 -32.40 23.83 34.62
CA ARG A 470 -33.13 24.08 35.85
C ARG A 470 -32.83 25.46 36.39
N GLY A 471 -31.75 25.54 37.16
CA GLY A 471 -31.35 26.80 37.76
C GLY A 471 -30.51 26.50 38.97
N GLU A 472 -29.27 26.97 38.97
CA GLU A 472 -28.37 26.70 40.08
C GLU A 472 -28.92 27.34 41.36
N ASN A 473 -28.90 28.67 41.41
CA ASN A 473 -29.42 29.40 42.56
C ASN A 473 -30.91 29.11 42.75
N SER A 474 -31.41 28.14 41.99
CA SER A 474 -32.81 27.75 42.04
C SER A 474 -32.94 26.25 42.28
N CYS A 475 -31.82 25.56 42.35
CA CYS A 475 -31.86 24.12 42.59
C CYS A 475 -31.24 23.77 43.93
N LYS A 476 -30.46 24.69 44.48
CA LYS A 476 -29.84 24.48 45.78
C LYS A 476 -30.97 24.35 46.81
N ALA A 477 -32.11 24.94 46.49
CA ALA A 477 -33.27 24.90 47.36
C ALA A 477 -33.83 23.48 47.46
N THR A 478 -33.88 22.78 46.33
CA THR A 478 -34.39 21.43 46.30
C THR A 478 -33.32 20.49 46.84
N GLY A 479 -32.29 21.09 47.45
CA GLY A 479 -31.20 20.31 48.01
C GLY A 479 -30.53 19.48 46.93
N GLN A 480 -30.97 19.67 45.69
CA GLN A 480 -30.43 18.93 44.58
C GLN A 480 -29.00 19.39 44.27
N VAL A 481 -28.04 18.80 44.97
CA VAL A 481 -26.64 19.13 44.78
C VAL A 481 -25.82 17.89 45.16
N CYS A 482 -24.54 18.08 45.45
CA CYS A 482 -23.68 16.98 45.83
C CYS A 482 -22.39 17.48 46.49
N HIS A 483 -22.17 18.78 46.41
CA HIS A 483 -20.99 19.44 46.96
C HIS A 483 -20.79 19.24 48.47
N ALA A 484 -20.00 18.25 48.82
CA ALA A 484 -19.69 17.91 50.22
C ALA A 484 -18.99 16.55 50.30
N LEU A 485 -19.68 15.50 49.84
CA LEU A 485 -19.15 14.14 49.85
C LEU A 485 -18.35 13.77 48.60
N CYS A 486 -18.68 14.41 47.47
CA CYS A 486 -17.98 14.15 46.20
C CYS A 486 -16.61 14.81 46.08
N SER A 487 -16.56 15.90 45.31
CA SER A 487 -15.31 16.64 45.07
C SER A 487 -15.53 17.79 44.08
N PRO A 488 -14.45 18.53 43.74
CA PRO A 488 -14.55 19.64 42.78
C PRO A 488 -15.15 19.15 41.47
N GLU A 489 -14.62 18.05 40.95
CA GLU A 489 -15.13 17.44 39.73
C GLU A 489 -16.52 16.99 40.14
N GLY A 490 -17.50 17.72 39.64
CA GLY A 490 -18.91 17.48 39.95
C GLY A 490 -19.47 16.10 40.19
N CYS A 491 -20.74 15.96 39.83
CA CYS A 491 -21.46 14.73 39.99
C CYS A 491 -22.44 14.48 38.87
N TRP A 492 -22.85 13.22 38.74
CA TRP A 492 -23.80 12.80 37.72
C TRP A 492 -25.15 12.59 38.38
N GLY A 493 -25.20 12.86 39.68
CA GLY A 493 -26.43 12.70 40.43
C GLY A 493 -26.23 13.03 41.90
N PRO A 494 -27.25 12.78 42.73
CA PRO A 494 -27.20 13.04 44.17
C PRO A 494 -26.33 12.03 44.94
N GLU A 495 -26.71 10.77 44.85
CA GLU A 495 -26.04 9.66 45.52
C GLU A 495 -24.53 9.72 45.52
N PRO A 496 -23.89 9.06 46.50
CA PRO A 496 -22.44 9.00 46.68
C PRO A 496 -21.73 8.17 45.60
N ARG A 497 -22.50 7.57 44.71
CA ARG A 497 -21.94 6.75 43.64
C ARG A 497 -21.91 7.50 42.31
N ASP A 498 -22.49 8.69 42.29
CA ASP A 498 -22.56 9.51 41.08
C ASP A 498 -21.46 10.56 41.00
N CYS A 499 -20.45 10.45 41.86
CA CYS A 499 -19.38 11.43 41.83
C CYS A 499 -18.49 11.25 40.62
N VAL A 500 -17.86 12.35 40.20
CA VAL A 500 -16.94 12.33 39.08
C VAL A 500 -15.60 11.91 39.64
N SER A 501 -15.21 12.54 40.74
CA SER A 501 -13.95 12.27 41.42
C SER A 501 -14.28 12.09 42.89
N CYS A 502 -13.46 11.32 43.60
CA CYS A 502 -13.73 11.06 45.01
C CYS A 502 -12.70 11.63 45.98
N ARG A 503 -13.19 12.12 47.12
CA ARG A 503 -12.32 12.66 48.15
C ARG A 503 -11.95 11.46 49.03
N ASN A 504 -10.66 11.17 49.13
CA ASN A 504 -10.17 10.04 49.90
C ASN A 504 -10.57 8.76 49.16
N VAL A 505 -9.63 8.18 48.40
CA VAL A 505 -9.85 6.95 47.63
C VAL A 505 -10.96 6.11 48.24
N SER A 506 -11.81 5.53 47.39
CA SER A 506 -12.92 4.71 47.88
C SER A 506 -13.21 3.53 46.97
N ARG A 507 -14.06 2.61 47.45
CA ARG A 507 -14.42 1.39 46.73
C ARG A 507 -15.91 1.23 46.50
N GLY A 508 -16.28 0.15 45.84
CA GLY A 508 -17.68 -0.14 45.57
C GLY A 508 -18.31 0.67 44.46
N ARG A 509 -17.47 1.20 43.57
CA ARG A 509 -17.95 2.00 42.46
C ARG A 509 -18.76 3.18 42.98
N GLU A 510 -18.72 3.34 44.31
CA GLU A 510 -19.42 4.41 45.01
C GLU A 510 -18.44 4.97 46.04
N CYS A 511 -18.68 6.17 46.54
CA CYS A 511 -17.74 6.73 47.51
C CYS A 511 -18.35 7.21 48.81
N VAL A 512 -17.61 7.00 49.88
CA VAL A 512 -18.03 7.42 51.21
C VAL A 512 -16.86 7.19 52.17
N GLU B 3 8.24 -14.49 -21.70
CA GLU B 3 9.13 -14.03 -20.61
C GLU B 3 10.58 -14.07 -21.08
N LYS B 4 11.34 -13.06 -20.68
CA LYS B 4 12.75 -12.93 -21.03
C LYS B 4 13.57 -14.04 -20.35
N LYS B 5 14.53 -14.59 -21.08
CA LYS B 5 15.38 -15.65 -20.54
C LYS B 5 16.30 -15.04 -19.49
N VAL B 6 16.33 -15.63 -18.30
CA VAL B 6 17.17 -15.08 -17.25
C VAL B 6 18.20 -16.07 -16.75
N CYS B 7 19.37 -15.53 -16.41
CA CYS B 7 20.48 -16.32 -15.90
C CYS B 7 20.96 -15.72 -14.57
N GLN B 8 21.52 -16.56 -13.71
CA GLN B 8 21.99 -16.11 -12.41
C GLN B 8 23.07 -15.04 -12.53
N GLY B 9 24.09 -15.32 -13.32
CA GLY B 9 25.14 -14.35 -13.51
C GLY B 9 26.25 -14.51 -12.51
N THR B 10 27.44 -14.85 -13.01
CA THR B 10 28.61 -15.04 -12.16
C THR B 10 28.83 -13.84 -11.27
N SER B 11 29.26 -14.10 -10.03
CA SER B 11 29.52 -13.03 -9.08
C SER B 11 30.81 -13.39 -8.32
N ASN B 12 31.86 -13.65 -9.07
CA ASN B 12 33.14 -14.01 -8.46
C ASN B 12 34.29 -13.16 -8.96
N LYS B 13 34.03 -11.87 -9.12
CA LYS B 13 35.00 -10.87 -9.60
C LYS B 13 36.50 -11.22 -9.56
N LEU B 14 37.22 -10.75 -10.57
CA LEU B 14 38.67 -10.93 -10.74
C LEU B 14 39.30 -12.31 -10.62
N THR B 15 38.57 -13.28 -10.06
CA THR B 15 39.11 -14.62 -9.96
C THR B 15 39.06 -15.26 -11.34
N GLN B 16 39.90 -16.27 -11.56
CA GLN B 16 39.91 -16.97 -12.82
C GLN B 16 39.57 -18.44 -12.63
N LEU B 17 38.56 -18.91 -13.36
CA LEU B 17 38.15 -20.30 -13.25
C LEU B 17 38.94 -21.23 -14.16
N GLY B 18 40.09 -21.70 -13.67
CA GLY B 18 40.92 -22.63 -14.44
C GLY B 18 41.75 -22.00 -15.54
N THR B 19 41.79 -22.66 -16.70
CA THR B 19 42.55 -22.15 -17.83
C THR B 19 41.76 -21.10 -18.59
N PHE B 20 42.47 -20.19 -19.26
CA PHE B 20 41.83 -19.14 -20.03
C PHE B 20 40.69 -19.70 -20.86
N GLU B 21 40.77 -20.98 -21.21
CA GLU B 21 39.71 -21.60 -21.99
C GLU B 21 38.60 -22.06 -21.06
N ASP B 22 38.96 -22.87 -20.09
CA ASP B 22 37.98 -23.36 -19.12
C ASP B 22 37.14 -22.17 -18.68
N HIS B 23 37.84 -21.09 -18.33
CA HIS B 23 37.21 -19.86 -17.88
C HIS B 23 36.26 -19.31 -18.95
N PHE B 24 36.58 -19.53 -20.22
CA PHE B 24 35.71 -19.06 -21.31
C PHE B 24 34.48 -19.92 -21.31
N LEU B 25 34.69 -21.19 -21.62
CA LEU B 25 33.60 -22.16 -21.68
C LEU B 25 32.56 -21.87 -20.61
N SER B 26 33.01 -21.68 -19.38
CA SER B 26 32.08 -21.37 -18.31
C SER B 26 31.33 -20.09 -18.70
N LEU B 27 32.02 -18.96 -18.71
CA LEU B 27 31.42 -17.69 -19.09
C LEU B 27 30.46 -17.86 -20.27
N GLN B 28 30.65 -18.92 -21.05
CA GLN B 28 29.78 -19.18 -22.20
C GLN B 28 28.55 -19.95 -21.76
N ARG B 29 28.77 -21.00 -20.98
CA ARG B 29 27.69 -21.86 -20.49
C ARG B 29 26.68 -21.08 -19.64
N MET B 30 27.16 -20.05 -18.95
CA MET B 30 26.31 -19.23 -18.10
C MET B 30 25.49 -18.21 -18.91
N PHE B 31 26.16 -17.41 -19.74
CA PHE B 31 25.43 -16.40 -20.50
C PHE B 31 24.93 -16.77 -21.89
N ASN B 32 25.07 -18.04 -22.27
CA ASN B 32 24.60 -18.47 -23.59
C ASN B 32 23.07 -18.36 -23.60
N ASN B 33 22.56 -17.36 -24.33
CA ASN B 33 21.11 -17.11 -24.47
C ASN B 33 20.47 -16.16 -23.47
N CYS B 34 21.20 -15.80 -22.42
CA CYS B 34 20.65 -14.91 -21.42
C CYS B 34 20.14 -13.60 -22.04
N GLU B 35 19.15 -13.00 -21.39
CA GLU B 35 18.56 -11.74 -21.83
C GLU B 35 18.54 -10.81 -20.64
N VAL B 36 18.41 -11.41 -19.47
CA VAL B 36 18.39 -10.67 -18.22
C VAL B 36 19.28 -11.36 -17.21
N VAL B 37 20.31 -10.65 -16.78
CA VAL B 37 21.25 -11.17 -15.81
C VAL B 37 20.77 -10.74 -14.44
N LEU B 38 20.13 -11.66 -13.73
CA LEU B 38 19.59 -11.39 -12.39
C LEU B 38 20.67 -10.95 -11.42
N GLY B 39 21.85 -11.57 -11.54
CA GLY B 39 22.96 -11.25 -10.67
C GLY B 39 23.96 -10.29 -11.29
N ASN B 40 25.18 -10.78 -11.56
CA ASN B 40 26.23 -9.96 -12.15
C ASN B 40 26.74 -10.45 -13.50
N LEU B 41 27.26 -9.51 -14.28
CA LEU B 41 27.83 -9.79 -15.60
C LEU B 41 29.30 -9.48 -15.50
N GLU B 42 30.13 -10.52 -15.41
CA GLU B 42 31.57 -10.35 -15.29
C GLU B 42 32.32 -11.04 -16.45
N ILE B 43 32.95 -10.22 -17.29
CA ILE B 43 33.73 -10.69 -18.42
C ILE B 43 35.20 -10.36 -18.18
N THR B 44 35.99 -11.39 -17.85
CA THR B 44 37.40 -11.23 -17.56
C THR B 44 38.24 -12.41 -18.05
N TYR B 45 39.46 -12.12 -18.51
CA TYR B 45 40.39 -13.14 -18.99
C TYR B 45 39.98 -13.83 -20.29
N VAL B 46 39.30 -13.12 -21.18
CA VAL B 46 38.89 -13.70 -22.45
C VAL B 46 39.97 -13.29 -23.46
N GLN B 47 40.55 -14.27 -24.14
CA GLN B 47 41.65 -14.01 -25.07
C GLN B 47 41.38 -13.43 -26.45
N ARG B 48 42.49 -13.09 -27.11
CA ARG B 48 42.54 -12.47 -28.43
C ARG B 48 41.62 -12.94 -29.55
N ASN B 49 41.41 -14.25 -29.68
CA ASN B 49 40.56 -14.75 -30.76
C ASN B 49 39.30 -15.50 -30.34
N TYR B 50 38.90 -15.36 -29.08
CA TYR B 50 37.69 -16.04 -28.66
C TYR B 50 36.46 -15.32 -29.16
N ASP B 51 35.34 -16.03 -29.15
CA ASP B 51 34.09 -15.49 -29.64
C ASP B 51 33.08 -15.18 -28.54
N LEU B 52 32.92 -13.89 -28.23
CA LEU B 52 31.98 -13.44 -27.20
C LEU B 52 30.75 -12.87 -27.89
N SER B 53 30.34 -13.51 -28.99
CA SER B 53 29.18 -13.04 -29.73
C SER B 53 27.89 -13.30 -28.97
N PHE B 54 27.88 -14.34 -28.15
CA PHE B 54 26.68 -14.68 -27.40
C PHE B 54 26.23 -13.63 -26.38
N LEU B 55 27.09 -12.66 -26.11
CA LEU B 55 26.75 -11.60 -25.17
C LEU B 55 25.82 -10.58 -25.84
N LYS B 56 25.49 -10.85 -27.10
CA LYS B 56 24.63 -9.95 -27.87
C LYS B 56 23.19 -10.00 -27.41
N THR B 57 22.83 -11.01 -26.61
CA THR B 57 21.46 -11.17 -26.17
C THR B 57 21.15 -10.57 -24.82
N ILE B 58 22.19 -10.25 -24.06
CA ILE B 58 22.00 -9.64 -22.75
C ILE B 58 21.32 -8.29 -22.97
N GLN B 59 20.10 -8.14 -22.46
CA GLN B 59 19.36 -6.89 -22.59
C GLN B 59 19.46 -5.98 -21.38
N GLU B 60 19.78 -6.57 -20.22
CA GLU B 60 19.88 -5.79 -19.00
C GLU B 60 20.55 -6.59 -17.87
N VAL B 61 21.36 -5.92 -17.07
CA VAL B 61 22.03 -6.57 -15.96
C VAL B 61 21.58 -5.94 -14.64
N ALA B 62 21.16 -6.77 -13.69
CA ALA B 62 20.68 -6.29 -12.39
C ALA B 62 21.77 -5.66 -11.54
N GLY B 63 22.81 -6.42 -11.23
CA GLY B 63 23.90 -5.89 -10.40
C GLY B 63 24.80 -4.93 -11.16
N TYR B 64 26.06 -5.32 -11.35
CA TYR B 64 27.03 -4.49 -12.07
C TYR B 64 27.73 -5.27 -13.17
N VAL B 65 28.28 -4.52 -14.11
CA VAL B 65 29.00 -5.10 -15.23
C VAL B 65 30.49 -4.79 -15.09
N LEU B 66 31.27 -5.84 -14.89
CA LEU B 66 32.71 -5.72 -14.74
C LEU B 66 33.36 -6.38 -15.94
N ILE B 67 34.23 -5.62 -16.61
CA ILE B 67 34.94 -6.12 -17.78
C ILE B 67 36.39 -5.74 -17.52
N ALA B 68 37.20 -6.72 -17.15
CA ALA B 68 38.60 -6.43 -16.88
C ALA B 68 39.56 -7.57 -17.19
N LEU B 69 40.79 -7.21 -17.51
CA LEU B 69 41.85 -8.16 -17.81
C LEU B 69 41.55 -9.06 -19.01
N ASN B 70 40.97 -8.46 -20.05
CA ASN B 70 40.64 -9.17 -21.27
C ASN B 70 41.54 -8.75 -22.40
N THR B 71 41.89 -9.69 -23.28
CA THR B 71 42.74 -9.41 -24.42
C THR B 71 41.93 -9.49 -25.71
N VAL B 72 40.67 -9.92 -25.58
CA VAL B 72 39.80 -10.00 -26.75
C VAL B 72 39.64 -8.56 -27.23
N GLU B 73 39.30 -8.37 -28.50
CA GLU B 73 39.15 -7.02 -29.03
C GLU B 73 37.74 -6.45 -29.12
N ARG B 74 36.76 -7.32 -29.35
CA ARG B 74 35.38 -6.86 -29.50
C ARG B 74 34.39 -7.53 -28.55
N ILE B 75 33.74 -6.72 -27.71
CA ILE B 75 32.73 -7.22 -26.77
C ILE B 75 31.34 -6.74 -27.20
N PRO B 76 30.58 -7.62 -27.85
CA PRO B 76 29.24 -7.46 -28.38
C PRO B 76 28.09 -7.14 -27.41
N LEU B 77 28.32 -6.29 -26.41
CA LEU B 77 27.22 -5.93 -25.49
C LEU B 77 26.49 -4.78 -26.17
N GLU B 78 26.04 -5.04 -27.39
CA GLU B 78 25.34 -4.04 -28.18
C GLU B 78 23.92 -3.86 -27.71
N ASN B 79 23.30 -4.97 -27.34
CA ASN B 79 21.92 -4.95 -26.89
C ASN B 79 21.72 -4.72 -25.40
N LEU B 80 22.79 -4.41 -24.68
CA LEU B 80 22.64 -4.12 -23.26
C LEU B 80 21.87 -2.80 -23.27
N GLN B 81 20.83 -2.73 -22.46
CA GLN B 81 19.97 -1.56 -22.42
C GLN B 81 20.05 -0.80 -21.09
N ILE B 82 20.03 -1.53 -19.99
CA ILE B 82 20.07 -0.91 -18.69
C ILE B 82 20.89 -1.73 -17.72
N ILE B 83 21.50 -1.03 -16.77
CA ILE B 83 22.26 -1.66 -15.73
C ILE B 83 21.65 -1.10 -14.45
N ARG B 84 20.89 -1.95 -13.79
CA ARG B 84 20.23 -1.58 -12.56
C ARG B 84 21.23 -1.02 -11.57
N GLY B 85 22.21 -1.83 -11.22
CA GLY B 85 23.20 -1.39 -10.26
C GLY B 85 22.82 -1.84 -8.86
N ASN B 86 22.08 -2.95 -8.79
CA ASN B 86 21.63 -3.51 -7.52
C ASN B 86 22.81 -3.77 -6.59
N MET B 87 23.97 -4.01 -7.19
CA MET B 87 25.19 -4.23 -6.42
C MET B 87 26.26 -3.36 -7.07
N TYR B 88 27.39 -3.19 -6.39
CA TYR B 88 28.47 -2.36 -6.92
C TYR B 88 29.76 -3.15 -6.93
N TYR B 89 30.70 -2.76 -7.78
CA TYR B 89 31.99 -3.41 -7.83
C TYR B 89 32.99 -2.44 -7.22
N GLU B 90 33.83 -2.93 -6.31
CA GLU B 90 34.84 -2.10 -5.68
C GLU B 90 34.14 -0.93 -4.98
N ASN B 91 32.82 -1.04 -4.84
CA ASN B 91 32.03 -0.01 -4.19
C ASN B 91 31.94 1.23 -5.07
N SER B 92 30.71 1.71 -5.29
CA SER B 92 30.44 2.89 -6.10
C SER B 92 30.61 2.71 -7.61
N TYR B 93 30.53 1.47 -8.09
CA TYR B 93 30.66 1.20 -9.52
C TYR B 93 29.69 0.14 -9.99
N ALA B 94 28.84 0.53 -10.95
CA ALA B 94 27.88 -0.41 -11.52
C ALA B 94 28.49 -0.95 -12.79
N LEU B 95 29.37 -0.16 -13.40
CA LEU B 95 30.10 -0.53 -14.62
C LEU B 95 31.58 -0.21 -14.49
N ALA B 96 32.42 -1.24 -14.50
CA ALA B 96 33.85 -1.03 -14.39
C ALA B 96 34.64 -1.81 -15.44
N VAL B 97 35.24 -1.08 -16.38
CA VAL B 97 36.05 -1.70 -17.44
C VAL B 97 37.49 -1.41 -17.01
N LEU B 98 38.20 -2.43 -16.53
CA LEU B 98 39.55 -2.23 -16.04
C LEU B 98 40.66 -2.96 -16.76
N SER B 99 41.80 -2.29 -16.86
CA SER B 99 43.01 -2.81 -17.48
C SER B 99 42.77 -3.96 -18.46
N ASN B 100 42.29 -3.62 -19.64
CA ASN B 100 42.00 -4.60 -20.70
C ASN B 100 43.06 -4.54 -21.78
N TYR B 101 44.32 -4.68 -21.39
CA TYR B 101 45.40 -4.64 -22.38
C TYR B 101 46.28 -5.87 -22.34
N ASP B 102 46.98 -6.10 -23.45
CA ASP B 102 47.90 -7.22 -23.58
C ASP B 102 49.25 -6.61 -23.28
N ALA B 103 50.20 -7.40 -22.80
CA ALA B 103 51.52 -6.87 -22.49
C ALA B 103 52.01 -5.91 -23.59
N ASN B 104 51.60 -6.17 -24.83
CA ASN B 104 51.97 -5.33 -25.97
C ASN B 104 51.08 -4.09 -26.08
N LYS B 105 50.41 -3.74 -24.99
CA LYS B 105 49.50 -2.59 -24.99
C LYS B 105 48.55 -2.71 -26.16
N THR B 106 47.86 -3.85 -26.22
CA THR B 106 46.91 -4.14 -27.29
C THR B 106 45.84 -5.08 -26.74
N GLY B 107 44.68 -4.53 -26.39
CA GLY B 107 43.63 -5.36 -25.86
C GLY B 107 42.26 -5.04 -26.41
N LEU B 108 41.32 -4.75 -25.51
CA LEU B 108 39.96 -4.42 -25.89
C LEU B 108 39.99 -3.18 -26.75
N LYS B 109 39.34 -3.25 -27.90
CA LYS B 109 39.31 -2.13 -28.82
C LYS B 109 37.91 -1.55 -28.90
N GLU B 110 36.98 -2.32 -29.46
CA GLU B 110 35.60 -1.89 -29.61
C GLU B 110 34.62 -2.52 -28.61
N LEU B 111 33.76 -1.67 -28.06
CA LEU B 111 32.74 -2.08 -27.09
C LEU B 111 31.40 -1.45 -27.52
N PRO B 112 30.72 -2.07 -28.49
CA PRO B 112 29.44 -1.61 -29.03
C PRO B 112 28.26 -1.52 -28.08
N MET B 113 28.34 -0.68 -27.05
CA MET B 113 27.22 -0.59 -26.14
C MET B 113 26.23 0.49 -26.54
N ARG B 114 26.07 0.68 -27.84
CA ARG B 114 25.19 1.70 -28.37
C ARG B 114 23.81 1.75 -27.74
N ASN B 115 23.36 0.64 -27.15
CA ASN B 115 22.04 0.65 -26.53
C ASN B 115 22.02 0.90 -25.03
N LEU B 116 23.19 0.86 -24.39
CA LEU B 116 23.25 1.14 -22.96
C LEU B 116 22.85 2.61 -22.81
N GLN B 117 21.73 2.86 -22.16
CA GLN B 117 21.24 4.22 -21.97
C GLN B 117 21.04 4.58 -20.51
N GLU B 118 20.86 3.56 -19.66
CA GLU B 118 20.61 3.82 -18.25
C GLU B 118 21.52 3.08 -17.28
N ILE B 119 21.84 3.75 -16.17
CA ILE B 119 22.65 3.18 -15.10
C ILE B 119 22.04 3.67 -13.79
N LEU B 120 20.90 3.06 -13.45
CA LEU B 120 20.13 3.39 -12.26
C LEU B 120 20.89 3.70 -10.97
N HIS B 121 21.69 2.77 -10.49
CA HIS B 121 22.43 2.98 -9.26
C HIS B 121 23.92 2.67 -9.42
N GLY B 122 24.76 3.60 -9.00
CA GLY B 122 26.19 3.38 -9.08
C GLY B 122 26.86 4.35 -10.03
N ALA B 123 28.19 4.28 -10.07
CA ALA B 123 29.00 5.13 -10.93
C ALA B 123 29.83 4.26 -11.89
N VAL B 124 30.28 4.85 -13.00
CA VAL B 124 31.08 4.10 -13.96
C VAL B 124 32.57 4.41 -13.78
N ARG B 125 33.42 3.48 -14.21
CA ARG B 125 34.87 3.63 -14.10
C ARG B 125 35.65 2.95 -15.20
N PHE B 126 36.45 3.73 -15.92
CA PHE B 126 37.30 3.22 -17.00
C PHE B 126 38.76 3.57 -16.67
N SER B 127 39.67 2.58 -16.81
CA SER B 127 41.08 2.82 -16.51
C SER B 127 42.02 1.76 -17.07
N ASN B 128 43.12 2.21 -17.67
CA ASN B 128 44.12 1.31 -18.24
C ASN B 128 43.53 0.37 -19.29
N ASN B 129 42.86 0.94 -20.28
CA ASN B 129 42.27 0.12 -21.34
C ASN B 129 42.72 0.59 -22.71
N PRO B 130 44.02 0.43 -23.01
CA PRO B 130 44.53 0.85 -24.32
C PRO B 130 43.71 0.17 -25.41
N ALA B 131 43.55 0.87 -26.54
CA ALA B 131 42.82 0.35 -27.68
C ALA B 131 41.31 0.58 -27.63
N LEU B 132 40.81 1.05 -26.49
CA LEU B 132 39.38 1.31 -26.38
C LEU B 132 39.06 2.44 -27.33
N CYS B 133 38.08 2.22 -28.19
CA CYS B 133 37.71 3.21 -29.18
C CYS B 133 36.35 3.85 -28.99
N ASN B 134 36.25 5.10 -29.43
CA ASN B 134 35.00 5.85 -29.38
C ASN B 134 34.47 6.15 -27.99
N VAL B 135 34.32 5.13 -27.16
CA VAL B 135 33.80 5.29 -25.80
C VAL B 135 34.35 6.56 -25.16
N GLU B 136 35.51 6.99 -25.62
CA GLU B 136 36.13 8.21 -25.13
C GLU B 136 35.19 9.39 -25.31
N SER B 137 34.29 9.29 -26.30
CA SER B 137 33.35 10.37 -26.63
C SER B 137 31.98 10.31 -25.95
N ILE B 138 31.62 9.18 -25.38
CA ILE B 138 30.31 9.06 -24.73
C ILE B 138 30.13 9.93 -23.48
N GLN B 139 29.20 10.87 -23.57
CA GLN B 139 28.89 11.74 -22.45
C GLN B 139 27.86 10.98 -21.64
N TRP B 140 28.32 10.44 -20.51
CA TRP B 140 27.49 9.64 -19.63
C TRP B 140 26.49 10.48 -18.85
N ARG B 141 26.73 11.79 -18.79
CA ARG B 141 25.83 12.67 -18.06
C ARG B 141 24.39 12.26 -18.37
N ASP B 142 24.21 11.54 -19.48
CA ASP B 142 22.90 11.08 -19.91
C ASP B 142 22.66 9.65 -19.44
N ILE B 143 23.72 8.84 -19.45
CA ILE B 143 23.62 7.44 -19.05
C ILE B 143 23.53 7.26 -17.53
N VAL B 144 24.29 8.05 -16.79
CA VAL B 144 24.30 7.97 -15.34
C VAL B 144 23.36 8.97 -14.68
N SER B 145 23.07 8.74 -13.40
CA SER B 145 22.17 9.62 -12.65
C SER B 145 22.98 10.63 -11.85
N SER B 146 22.58 11.90 -11.97
CA SER B 146 23.23 13.02 -11.30
C SER B 146 23.86 12.73 -9.94
N ASP B 147 23.10 12.10 -9.05
CA ASP B 147 23.58 11.79 -7.72
C ASP B 147 24.77 10.83 -7.68
N PHE B 148 25.40 10.58 -8.83
CA PHE B 148 26.53 9.65 -8.88
C PHE B 148 27.75 10.11 -9.66
N LEU B 149 27.55 10.95 -10.67
CA LEU B 149 28.66 11.41 -11.49
C LEU B 149 29.81 11.99 -10.66
N SER B 150 29.46 12.61 -9.55
CA SER B 150 30.45 13.21 -8.68
C SER B 150 31.45 12.16 -8.18
N ASN B 151 30.99 10.91 -8.09
CA ASN B 151 31.82 9.81 -7.61
C ASN B 151 32.08 8.74 -8.68
N MET B 152 32.39 9.15 -9.90
CA MET B 152 32.66 8.19 -10.96
C MET B 152 33.90 8.56 -11.76
N SER B 153 34.97 7.80 -11.56
CA SER B 153 36.24 8.07 -12.23
C SER B 153 36.47 7.24 -13.50
N MET B 154 36.89 7.92 -14.55
CA MET B 154 37.17 7.27 -15.82
C MET B 154 38.08 8.12 -16.69
N ASP B 155 39.31 7.66 -16.88
CA ASP B 155 40.29 8.37 -17.68
C ASP B 155 40.75 7.51 -18.84
N PHE B 156 40.42 7.92 -20.05
CA PHE B 156 40.82 7.16 -21.24
C PHE B 156 42.24 7.56 -21.62
N GLN B 157 42.96 6.65 -22.29
CA GLN B 157 44.34 6.92 -22.71
C GLN B 157 44.59 6.66 -24.19
N ASN B 158 45.83 6.81 -24.61
CA ASN B 158 46.20 6.60 -26.01
C ASN B 158 47.31 5.55 -26.14
N HIS B 159 47.63 5.20 -27.38
CA HIS B 159 48.66 4.21 -27.66
C HIS B 159 49.23 4.40 -29.06
N LEU B 160 50.09 3.48 -29.48
CA LEU B 160 50.69 3.55 -30.81
C LEU B 160 49.77 2.96 -31.87
N GLY B 161 48.48 3.19 -31.71
CA GLY B 161 47.51 2.67 -32.67
C GLY B 161 46.43 3.69 -32.96
N SER B 162 45.36 3.25 -33.63
CA SER B 162 44.25 4.14 -33.97
C SER B 162 43.09 3.41 -34.63
N CYS B 163 41.88 3.94 -34.41
CA CYS B 163 40.63 3.39 -34.96
C CYS B 163 39.81 4.52 -35.58
N GLN B 164 39.07 4.20 -36.63
CA GLN B 164 38.28 5.19 -37.37
C GLN B 164 37.39 6.14 -36.57
N LYS B 165 37.25 7.35 -37.10
CA LYS B 165 36.45 8.40 -36.49
C LYS B 165 34.99 8.00 -36.40
N CYS B 166 34.15 8.96 -35.99
CA CYS B 166 32.73 8.69 -35.82
C CYS B 166 31.78 9.45 -36.74
N ASP B 167 30.90 8.69 -37.38
CA ASP B 167 29.91 9.23 -38.29
C ASP B 167 29.36 10.55 -37.75
N PRO B 168 29.53 11.65 -38.51
CA PRO B 168 29.05 12.98 -38.13
C PRO B 168 27.59 12.99 -37.71
N SER B 169 26.87 11.93 -38.06
CA SER B 169 25.45 11.80 -37.72
C SER B 169 25.33 11.73 -36.20
N CYS B 170 26.43 11.37 -35.56
CA CYS B 170 26.47 11.27 -34.11
C CYS B 170 26.46 12.67 -33.53
N PRO B 171 25.57 12.93 -32.55
CA PRO B 171 25.38 14.20 -31.86
C PRO B 171 26.65 14.96 -31.48
N ASN B 172 26.85 15.19 -30.17
CA ASN B 172 28.03 15.90 -29.71
C ASN B 172 29.30 15.05 -29.85
N GLY B 173 29.43 14.40 -31.00
CA GLY B 173 30.59 13.56 -31.26
C GLY B 173 30.45 12.16 -30.68
N SER B 174 29.66 12.06 -29.62
CA SER B 174 29.39 10.82 -28.90
C SER B 174 29.10 9.61 -29.79
N CYS B 175 29.78 8.49 -29.50
CA CYS B 175 29.63 7.26 -30.28
C CYS B 175 30.36 6.07 -29.65
N TRP B 176 29.71 4.92 -29.59
CA TRP B 176 30.33 3.72 -29.02
C TRP B 176 31.05 2.93 -30.09
N GLY B 177 30.55 3.01 -31.33
CA GLY B 177 31.16 2.26 -32.42
C GLY B 177 31.38 3.04 -33.69
N ALA B 178 31.24 2.35 -34.83
CA ALA B 178 31.43 2.97 -36.14
C ALA B 178 30.16 2.97 -36.99
N GLY B 179 29.97 1.91 -37.77
CA GLY B 179 28.79 1.82 -38.61
C GLY B 179 27.54 1.63 -37.78
N GLU B 180 26.60 0.84 -38.28
CA GLU B 180 25.36 0.56 -37.58
C GLU B 180 24.87 1.71 -36.69
N GLU B 181 25.00 2.94 -37.18
CA GLU B 181 24.57 4.14 -36.43
C GLU B 181 24.81 3.93 -34.92
N ASN B 182 25.98 3.43 -34.58
CA ASN B 182 26.36 3.18 -33.19
C ASN B 182 26.45 4.49 -32.40
N CYS B 183 25.63 5.48 -32.77
CA CYS B 183 25.68 6.75 -32.07
C CYS B 183 24.99 6.64 -30.73
N GLN B 184 25.40 7.48 -29.81
CA GLN B 184 24.82 7.49 -28.48
C GLN B 184 23.40 8.01 -28.55
N LYS B 185 22.43 7.10 -28.47
CA LYS B 185 21.02 7.51 -28.49
C LYS B 185 20.81 8.13 -27.12
N LEU B 186 20.88 9.45 -27.03
CA LEU B 186 20.71 10.13 -25.75
C LEU B 186 19.29 10.58 -25.51
N THR B 187 18.83 10.35 -24.28
CA THR B 187 17.47 10.67 -23.87
C THR B 187 17.30 11.14 -22.43
N LYS B 188 18.02 12.19 -22.03
CA LYS B 188 17.90 12.71 -20.68
C LYS B 188 18.27 14.18 -20.68
N ILE B 189 19.52 14.46 -21.04
CA ILE B 189 20.00 15.83 -21.12
C ILE B 189 19.32 16.49 -22.30
N ILE B 190 18.70 15.65 -23.13
CA ILE B 190 17.99 16.08 -24.32
C ILE B 190 16.49 15.93 -24.09
N CYS B 191 15.93 16.71 -23.17
CA CYS B 191 14.50 16.61 -22.89
C CYS B 191 13.90 17.93 -22.42
N ALA B 192 12.68 18.21 -22.90
CA ALA B 192 11.96 19.43 -22.56
C ALA B 192 11.96 19.77 -21.07
N GLN B 193 12.40 20.99 -20.76
CA GLN B 193 12.47 21.48 -19.39
C GLN B 193 11.51 20.79 -18.41
N GLN B 194 10.23 20.76 -18.76
CA GLN B 194 9.22 20.15 -17.90
C GLN B 194 8.82 18.76 -18.36
N CYS B 195 9.57 17.76 -17.90
CA CYS B 195 9.28 16.38 -18.27
C CYS B 195 9.45 15.40 -17.14
N SER B 196 8.54 14.43 -17.10
CA SER B 196 8.54 13.39 -16.08
C SER B 196 9.97 12.93 -15.79
N GLY B 197 10.56 12.20 -16.73
CA GLY B 197 11.91 11.71 -16.56
C GLY B 197 12.72 11.70 -17.84
N ARG B 198 12.78 10.54 -18.50
CA ARG B 198 13.52 10.40 -19.75
C ARG B 198 12.58 10.59 -20.92
N CYS B 199 13.12 11.04 -22.05
CA CYS B 199 12.30 11.28 -23.24
C CYS B 199 12.82 10.56 -24.45
N ARG B 200 11.94 10.27 -25.39
CA ARG B 200 12.32 9.59 -26.62
C ARG B 200 12.45 10.66 -27.69
N GLY B 201 12.21 11.91 -27.31
CA GLY B 201 12.30 13.01 -28.25
C GLY B 201 12.71 14.31 -27.58
N LYS B 202 12.85 15.36 -28.38
CA LYS B 202 13.26 16.66 -27.88
C LYS B 202 12.06 17.49 -27.39
N SER B 203 10.95 17.38 -28.13
CA SER B 203 9.72 18.09 -27.83
C SER B 203 9.17 17.87 -26.42
N PRO B 204 8.39 18.84 -25.90
CA PRO B 204 7.79 18.75 -24.57
C PRO B 204 6.59 17.81 -24.61
N SER B 205 6.37 17.26 -25.80
CA SER B 205 5.29 16.31 -26.06
C SER B 205 5.88 14.97 -26.45
N ASP B 206 7.20 14.88 -26.41
CA ASP B 206 7.92 13.68 -26.78
C ASP B 206 8.56 12.93 -25.61
N CYS B 207 8.28 13.31 -24.38
CA CYS B 207 8.92 12.60 -23.27
C CYS B 207 8.15 11.46 -22.66
N CYS B 208 8.91 10.50 -22.17
CA CYS B 208 8.41 9.27 -21.57
C CYS B 208 7.68 9.38 -20.24
N HIS B 209 7.22 8.22 -19.77
CA HIS B 209 6.51 8.08 -18.50
C HIS B 209 7.52 8.27 -17.37
N ASN B 210 7.10 8.87 -16.25
CA ASN B 210 8.00 9.10 -15.11
C ASN B 210 8.40 7.82 -14.41
N GLN B 211 8.18 6.68 -15.07
CA GLN B 211 8.52 5.39 -14.50
C GLN B 211 9.26 4.47 -15.47
N CYS B 212 10.20 5.03 -16.23
CA CYS B 212 10.93 4.23 -17.21
C CYS B 212 12.43 4.45 -17.34
N ALA B 213 13.09 3.46 -17.93
CA ALA B 213 14.54 3.50 -18.11
C ALA B 213 14.95 3.46 -19.59
N ALA B 214 16.08 4.09 -19.86
CA ALA B 214 16.63 4.18 -21.21
C ALA B 214 15.74 5.12 -22.03
N GLY B 215 14.59 4.60 -22.46
CA GLY B 215 13.69 5.40 -23.26
C GLY B 215 12.35 4.71 -23.42
N CYS B 216 11.52 5.19 -24.34
CA CYS B 216 10.21 4.61 -24.56
C CYS B 216 9.78 4.72 -26.01
N THR B 217 8.86 3.84 -26.42
CA THR B 217 8.33 3.84 -27.78
C THR B 217 7.17 4.82 -27.79
N GLY B 218 6.35 4.73 -26.75
CA GLY B 218 5.21 5.60 -26.62
C GLY B 218 5.39 6.50 -25.40
N PRO B 219 4.39 7.31 -25.06
CA PRO B 219 4.45 8.22 -23.92
C PRO B 219 3.66 7.70 -22.73
N ARG B 220 3.20 6.45 -22.82
CA ARG B 220 2.44 5.85 -21.73
C ARG B 220 3.30 4.99 -20.82
N GLU B 221 2.64 4.18 -19.99
CA GLU B 221 3.31 3.30 -19.04
C GLU B 221 3.56 1.93 -19.68
N SER B 222 2.80 1.65 -20.73
CA SER B 222 2.91 0.38 -21.44
C SER B 222 3.89 0.46 -22.61
N ASP B 223 4.36 1.66 -22.88
CA ASP B 223 5.29 1.89 -23.98
C ASP B 223 6.69 2.17 -23.49
N CYS B 224 7.28 1.25 -22.72
CA CYS B 224 8.61 1.47 -22.19
C CYS B 224 9.68 0.44 -22.51
N LEU B 225 10.90 0.93 -22.69
CA LEU B 225 12.06 0.11 -23.01
C LEU B 225 12.40 -0.85 -21.89
N VAL B 226 12.31 -0.36 -20.66
CA VAL B 226 12.58 -1.16 -19.48
C VAL B 226 12.04 -0.48 -18.25
N CYS B 227 11.20 -1.20 -17.52
CA CYS B 227 10.58 -0.68 -16.31
C CYS B 227 11.62 -0.16 -15.34
N ARG B 228 11.38 1.02 -14.78
CA ARG B 228 12.30 1.62 -13.83
C ARG B 228 12.31 0.89 -12.50
N LYS B 229 11.15 0.40 -12.07
CA LYS B 229 11.08 -0.32 -10.80
C LYS B 229 10.35 -1.65 -10.85
N PHE B 230 9.02 -1.61 -10.85
CA PHE B 230 8.22 -2.84 -10.89
C PHE B 230 7.62 -3.10 -12.24
N ARG B 231 7.32 -4.36 -12.50
CA ARG B 231 6.76 -4.78 -13.77
C ARG B 231 5.41 -5.41 -13.54
N ASP B 232 4.35 -4.66 -13.82
CA ASP B 232 2.99 -5.16 -13.65
C ASP B 232 2.50 -5.65 -14.98
N GLU B 233 2.53 -6.97 -15.18
CA GLU B 233 2.07 -7.53 -16.44
C GLU B 233 2.87 -6.85 -17.53
N ALA B 234 2.18 -6.10 -18.40
CA ALA B 234 2.85 -5.41 -19.48
C ALA B 234 2.94 -3.90 -19.28
N THR B 235 3.07 -3.47 -18.03
CA THR B 235 3.19 -2.05 -17.74
C THR B 235 4.25 -1.86 -16.67
N CYS B 236 4.64 -0.61 -16.47
CA CYS B 236 5.66 -0.28 -15.49
C CYS B 236 5.05 0.48 -14.32
N LYS B 237 5.15 -0.10 -13.13
CA LYS B 237 4.59 0.53 -11.95
C LYS B 237 5.62 0.82 -10.86
N ASP B 238 5.37 1.87 -10.09
CA ASP B 238 6.24 2.28 -8.99
C ASP B 238 5.95 1.34 -7.83
N THR B 239 4.68 1.23 -7.48
CA THR B 239 4.23 0.36 -6.40
C THR B 239 3.21 -0.55 -7.07
N CYS B 240 2.93 -1.70 -6.47
CA CYS B 240 1.96 -2.54 -7.10
C CYS B 240 0.60 -2.61 -6.45
N PRO B 241 -0.47 -2.59 -7.27
CA PRO B 241 -1.85 -2.64 -6.82
C PRO B 241 -2.04 -3.27 -5.45
N PRO B 242 -2.44 -2.46 -4.48
CA PRO B 242 -2.67 -2.94 -3.12
C PRO B 242 -3.87 -3.87 -3.13
N LEU B 243 -3.84 -4.86 -2.25
CA LEU B 243 -4.93 -5.79 -2.15
C LEU B 243 -6.06 -5.10 -1.39
N MET B 244 -5.79 -3.87 -0.97
CA MET B 244 -6.76 -3.10 -0.20
C MET B 244 -6.61 -1.63 -0.51
N LEU B 245 -7.71 -0.96 -0.74
CA LEU B 245 -7.68 0.46 -1.03
C LEU B 245 -8.49 1.17 0.01
N TYR B 246 -7.96 2.29 0.50
CA TYR B 246 -8.65 3.05 1.53
C TYR B 246 -9.84 3.73 0.91
N ASN B 247 -10.90 3.85 1.69
CA ASN B 247 -12.12 4.46 1.21
C ASN B 247 -12.33 5.82 1.90
N PRO B 248 -11.90 6.90 1.22
CA PRO B 248 -12.03 8.27 1.71
C PRO B 248 -13.36 8.54 2.38
N THR B 249 -14.43 8.34 1.62
CA THR B 249 -15.77 8.57 2.13
C THR B 249 -16.15 7.73 3.35
N THR B 250 -15.83 6.43 3.34
CA THR B 250 -16.19 5.59 4.49
C THR B 250 -15.10 5.49 5.55
N TYR B 251 -13.94 6.07 5.31
CA TYR B 251 -12.86 6.02 6.29
C TYR B 251 -12.59 4.57 6.66
N GLN B 252 -12.80 3.67 5.70
CA GLN B 252 -12.57 2.24 5.91
C GLN B 252 -11.83 1.65 4.71
N MET B 253 -11.40 0.39 4.83
CA MET B 253 -10.66 -0.25 3.76
C MET B 253 -11.43 -1.21 2.88
N ASP B 254 -11.32 -1.01 1.58
CA ASP B 254 -12.00 -1.81 0.60
C ASP B 254 -11.05 -2.76 -0.10
N VAL B 255 -11.60 -3.88 -0.58
CA VAL B 255 -10.87 -4.94 -1.27
C VAL B 255 -10.13 -4.51 -2.52
N ASN B 256 -8.98 -5.14 -2.73
CA ASN B 256 -8.10 -4.87 -3.87
C ASN B 256 -8.75 -4.51 -5.18
N PRO B 257 -8.33 -3.40 -5.77
CA PRO B 257 -8.94 -3.02 -7.05
C PRO B 257 -8.64 -4.18 -8.00
N GLU B 258 -7.45 -4.10 -8.59
CA GLU B 258 -6.89 -5.09 -9.48
C GLU B 258 -5.56 -5.34 -8.76
N GLY B 259 -5.66 -5.46 -7.44
CA GLY B 259 -4.50 -5.68 -6.58
C GLY B 259 -3.73 -6.95 -6.85
N LYS B 260 -2.41 -6.82 -6.82
CA LYS B 260 -1.53 -7.95 -7.09
C LYS B 260 -0.53 -8.09 -5.95
N TYR B 261 0.04 -9.28 -5.82
CA TYR B 261 1.04 -9.51 -4.80
C TYR B 261 2.41 -9.14 -5.36
N SER B 262 3.34 -8.79 -4.49
CA SER B 262 4.68 -8.40 -4.93
C SER B 262 5.69 -9.52 -4.76
N PHE B 263 6.38 -9.83 -5.84
CA PHE B 263 7.39 -10.88 -5.85
C PHE B 263 8.59 -10.36 -6.66
N GLY B 264 9.54 -9.73 -5.96
CA GLY B 264 10.69 -9.18 -6.66
C GLY B 264 10.27 -7.90 -7.36
N ALA B 265 10.61 -7.74 -8.62
CA ALA B 265 10.23 -6.53 -9.34
C ALA B 265 9.03 -6.85 -10.22
N THR B 266 8.53 -8.07 -10.09
CA THR B 266 7.38 -8.49 -10.88
C THR B 266 6.20 -8.50 -9.94
N CYS B 267 5.00 -8.28 -10.47
CA CYS B 267 3.79 -8.29 -9.66
C CYS B 267 2.96 -9.45 -10.10
N VAL B 268 2.88 -10.43 -9.21
CA VAL B 268 2.17 -11.67 -9.46
C VAL B 268 0.75 -11.64 -8.91
N LYS B 269 -0.09 -12.53 -9.42
CA LYS B 269 -1.46 -12.58 -8.98
C LYS B 269 -1.55 -13.44 -7.72
N LYS B 270 -0.52 -14.26 -7.49
CA LYS B 270 -0.42 -15.12 -6.32
C LYS B 270 1.04 -15.37 -5.94
N CYS B 271 1.29 -15.68 -4.67
CA CYS B 271 2.65 -15.92 -4.20
C CYS B 271 3.16 -17.33 -4.36
N PRO B 272 4.38 -17.47 -4.89
CA PRO B 272 4.96 -18.80 -5.06
C PRO B 272 4.74 -19.56 -3.76
N ARG B 273 3.91 -20.59 -3.81
CA ARG B 273 3.56 -21.41 -2.66
C ARG B 273 4.60 -21.53 -1.52
N ASN B 274 5.91 -21.45 -1.82
CA ASN B 274 6.90 -21.58 -0.74
C ASN B 274 7.34 -20.27 -0.09
N TYR B 275 6.75 -19.16 -0.52
CA TYR B 275 7.05 -17.85 0.08
C TYR B 275 6.02 -17.48 1.13
N VAL B 276 6.33 -16.45 1.91
CA VAL B 276 5.42 -15.98 2.94
C VAL B 276 4.57 -14.86 2.39
N VAL B 277 3.26 -14.92 2.60
CA VAL B 277 2.39 -13.87 2.11
C VAL B 277 1.99 -12.98 3.25
N THR B 278 2.39 -11.71 3.18
CA THR B 278 2.02 -10.77 4.21
C THR B 278 0.61 -10.32 3.91
N ASP B 279 -0.04 -9.69 4.89
CA ASP B 279 -1.39 -9.21 4.68
C ASP B 279 -1.33 -8.01 3.77
N HIS B 280 -0.20 -7.31 3.80
CA HIS B 280 0.03 -6.13 2.97
C HIS B 280 -0.10 -6.51 1.50
N GLY B 281 0.22 -7.76 1.19
CA GLY B 281 0.14 -8.25 -0.18
C GLY B 281 1.49 -8.35 -0.85
N SER B 282 2.42 -9.02 -0.18
CA SER B 282 3.77 -9.18 -0.70
C SER B 282 4.31 -10.58 -0.41
N CYS B 283 5.15 -11.09 -1.32
CA CYS B 283 5.74 -12.41 -1.12
C CYS B 283 7.16 -12.20 -0.58
N VAL B 284 7.33 -12.44 0.71
CA VAL B 284 8.62 -12.25 1.36
C VAL B 284 9.25 -13.57 1.74
N ARG B 285 10.57 -13.59 1.81
CA ARG B 285 11.28 -14.81 2.14
C ARG B 285 11.37 -15.05 3.64
N ALA B 286 10.86 -14.12 4.45
CA ALA B 286 10.94 -14.30 5.91
C ALA B 286 10.14 -13.30 6.74
N CYS B 287 9.37 -13.82 7.70
CA CYS B 287 8.54 -12.98 8.54
C CYS B 287 9.38 -12.25 9.60
N GLY B 288 9.37 -10.92 9.53
CA GLY B 288 10.14 -10.10 10.45
C GLY B 288 9.80 -10.19 11.92
N ALA B 289 10.14 -9.14 12.67
CA ALA B 289 9.91 -9.02 14.12
C ALA B 289 10.05 -10.35 14.84
N ASP B 290 9.22 -10.54 15.85
CA ASP B 290 9.18 -11.77 16.63
C ASP B 290 7.86 -12.42 16.28
N SER B 291 7.68 -12.61 14.98
CA SER B 291 6.47 -13.18 14.45
C SER B 291 6.62 -14.56 13.82
N TYR B 292 5.72 -15.44 14.22
CA TYR B 292 5.61 -16.82 13.76
C TYR B 292 5.55 -16.88 12.23
N GLU B 293 5.25 -18.07 11.72
CA GLU B 293 5.06 -18.25 10.31
C GLU B 293 4.09 -19.39 10.15
N MET B 294 2.96 -19.26 10.83
CA MET B 294 1.93 -20.27 10.77
C MET B 294 1.09 -19.97 9.56
N GLU B 295 1.12 -20.90 8.61
CA GLU B 295 0.36 -20.83 7.38
C GLU B 295 -1.04 -21.30 7.75
N GLU B 296 -2.08 -20.79 7.09
CA GLU B 296 -3.41 -21.28 7.39
C GLU B 296 -4.19 -21.57 6.12
N ASP B 297 -4.39 -20.54 5.30
CA ASP B 297 -5.13 -20.73 4.06
C ASP B 297 -4.39 -21.65 3.10
N GLY B 298 -3.58 -22.55 3.64
CA GLY B 298 -2.79 -23.42 2.80
C GLY B 298 -1.54 -22.63 2.43
N VAL B 299 -1.65 -21.32 2.59
CA VAL B 299 -0.57 -20.37 2.32
C VAL B 299 0.12 -20.04 3.62
N ARG B 300 1.41 -19.70 3.53
CA ARG B 300 2.22 -19.37 4.69
C ARG B 300 2.11 -17.92 5.15
N LYS B 301 1.00 -17.57 5.80
CA LYS B 301 0.85 -16.22 6.33
C LYS B 301 1.79 -16.27 7.52
N CYS B 302 1.70 -15.30 8.42
CA CYS B 302 2.54 -15.31 9.61
C CYS B 302 2.20 -14.19 10.60
N LYS B 303 1.61 -14.57 11.73
CA LYS B 303 1.23 -13.62 12.76
C LYS B 303 2.33 -13.48 13.81
N LYS B 304 2.15 -12.53 14.73
CA LYS B 304 3.13 -12.29 15.78
C LYS B 304 2.78 -13.20 16.96
N CYS B 305 3.72 -13.38 17.88
CA CYS B 305 3.50 -14.21 19.05
C CYS B 305 3.65 -13.40 20.33
N GLU B 306 2.55 -13.29 21.07
CA GLU B 306 2.48 -12.53 22.32
C GLU B 306 3.83 -12.31 23.01
N GLY B 307 4.13 -11.04 23.28
CA GLY B 307 5.37 -10.69 23.95
C GLY B 307 6.60 -11.31 23.30
N PRO B 308 7.74 -11.35 24.01
CA PRO B 308 8.97 -11.94 23.46
C PRO B 308 8.71 -13.33 22.91
N CYS B 309 8.65 -13.43 21.58
CA CYS B 309 8.39 -14.71 20.93
C CYS B 309 9.52 -15.70 21.14
N ARG B 310 10.07 -16.20 20.04
CA ARG B 310 11.16 -17.16 20.09
C ARG B 310 12.43 -16.67 19.41
N LYS B 311 13.26 -17.62 18.99
CA LYS B 311 14.54 -17.33 18.33
C LYS B 311 14.38 -17.05 16.84
N VAL B 312 15.47 -16.58 16.23
CA VAL B 312 15.51 -16.29 14.81
C VAL B 312 16.93 -16.55 14.30
N CYS B 313 17.19 -17.76 13.83
CA CYS B 313 18.50 -18.12 13.31
C CYS B 313 18.65 -17.72 11.84
N ASN B 314 19.32 -16.60 11.61
CA ASN B 314 19.50 -16.07 10.27
C ASN B 314 19.98 -17.03 9.19
N GLY B 315 21.11 -17.68 9.40
CA GLY B 315 21.58 -18.62 8.39
C GLY B 315 22.67 -18.03 7.50
N ILE B 316 23.71 -18.83 7.27
CA ILE B 316 24.85 -18.41 6.46
C ILE B 316 24.48 -17.58 5.23
N GLY B 317 25.23 -16.51 5.00
CA GLY B 317 24.99 -15.67 3.85
C GLY B 317 24.08 -14.46 4.01
N ILE B 318 23.44 -14.32 5.16
CA ILE B 318 22.57 -13.17 5.36
C ILE B 318 22.88 -12.51 6.69
N GLY B 319 22.53 -11.22 6.78
CA GLY B 319 22.76 -10.43 7.97
C GLY B 319 24.12 -10.57 8.61
N GLU B 320 24.11 -10.93 9.89
CA GLU B 320 25.31 -11.12 10.68
C GLU B 320 26.27 -12.10 10.00
N PHE B 321 25.86 -12.65 8.85
CA PHE B 321 26.68 -13.62 8.13
C PHE B 321 26.71 -13.41 6.64
N LYS B 322 26.55 -12.16 6.21
CA LYS B 322 26.59 -11.91 4.78
C LYS B 322 28.01 -12.18 4.30
N ASP B 323 28.96 -12.05 5.21
CA ASP B 323 30.37 -12.27 4.89
C ASP B 323 30.89 -13.65 5.28
N SER B 324 30.17 -14.33 6.18
CA SER B 324 30.55 -15.67 6.64
C SER B 324 30.22 -16.64 5.51
N LEU B 325 31.21 -17.37 5.00
CA LEU B 325 30.91 -18.27 3.88
C LEU B 325 30.76 -19.75 4.22
N SER B 326 30.66 -20.04 5.50
CA SER B 326 30.41 -21.40 5.99
C SER B 326 30.37 -21.45 7.49
N ILE B 327 29.41 -22.20 8.01
CA ILE B 327 29.25 -22.35 9.43
C ILE B 327 30.59 -22.85 9.96
N ASN B 328 31.14 -22.16 10.95
CA ASN B 328 32.41 -22.50 11.55
C ASN B 328 32.47 -22.19 13.05
N ALA B 329 33.39 -22.85 13.73
CA ALA B 329 33.58 -22.69 15.17
C ALA B 329 33.45 -21.27 15.70
N THR B 330 33.94 -20.29 14.95
CA THR B 330 33.86 -18.89 15.41
C THR B 330 32.45 -18.50 15.81
N ASN B 331 31.54 -18.44 14.82
CA ASN B 331 30.16 -18.08 15.11
C ASN B 331 29.13 -19.18 14.83
N ILE B 332 29.44 -20.38 15.30
CA ILE B 332 28.52 -21.50 15.15
C ILE B 332 27.64 -21.42 16.37
N LYS B 333 28.17 -20.77 17.40
CA LYS B 333 27.46 -20.59 18.66
C LYS B 333 26.08 -19.97 18.43
N HIS B 334 25.99 -19.10 17.43
CA HIS B 334 24.73 -18.44 17.11
C HIS B 334 23.73 -19.39 16.49
N PHE B 335 23.92 -20.70 16.74
CA PHE B 335 23.03 -21.73 16.21
C PHE B 335 22.65 -22.72 17.30
N LYS B 336 22.97 -22.35 18.53
CA LYS B 336 22.71 -23.16 19.71
C LYS B 336 21.33 -23.83 19.77
N ASN B 337 20.31 -23.04 20.09
CA ASN B 337 18.97 -23.57 20.21
C ASN B 337 17.95 -22.94 19.27
N CYS B 338 17.80 -23.52 18.08
CA CYS B 338 16.82 -23.06 17.10
C CYS B 338 16.46 -24.18 16.15
N THR B 339 15.19 -24.21 15.78
CA THR B 339 14.62 -25.23 14.89
C THR B 339 14.38 -24.77 13.47
N SER B 340 14.60 -23.49 13.21
CA SER B 340 14.40 -22.97 11.86
C SER B 340 15.52 -22.06 11.42
N ILE B 341 16.26 -22.47 10.39
CA ILE B 341 17.34 -21.65 9.88
C ILE B 341 16.70 -20.70 8.87
N SER B 342 16.60 -19.43 9.23
CA SER B 342 15.98 -18.41 8.39
C SER B 342 16.92 -17.98 7.27
N GLY B 343 17.38 -18.94 6.49
CA GLY B 343 18.28 -18.66 5.39
C GLY B 343 18.96 -19.90 4.86
N ASP B 344 20.25 -19.82 4.60
CA ASP B 344 20.99 -20.96 4.07
C ASP B 344 21.94 -21.58 5.08
N LEU B 345 22.60 -22.65 4.65
CA LEU B 345 23.56 -23.38 5.46
C LEU B 345 24.65 -24.01 4.60
N HIS B 346 25.87 -23.51 4.77
CA HIS B 346 26.98 -24.03 4.02
C HIS B 346 27.97 -24.78 4.90
N ILE B 347 28.01 -26.09 4.76
CA ILE B 347 28.98 -26.87 5.52
C ILE B 347 30.13 -27.05 4.54
N LEU B 348 31.08 -26.13 4.60
CA LEU B 348 32.23 -26.15 3.71
C LEU B 348 33.49 -26.64 4.39
N PRO B 349 34.32 -27.39 3.65
CA PRO B 349 35.58 -27.95 4.09
C PRO B 349 36.47 -26.98 4.88
N VAL B 350 36.41 -25.69 4.54
CA VAL B 350 37.23 -24.70 5.22
C VAL B 350 36.91 -24.58 6.71
N ALA B 351 35.64 -24.79 7.06
CA ALA B 351 35.22 -24.71 8.45
C ALA B 351 35.99 -25.73 9.27
N PHE B 352 35.93 -26.98 8.81
CA PHE B 352 36.60 -28.09 9.47
C PHE B 352 38.12 -27.98 9.51
N ARG B 353 38.70 -27.26 8.55
CA ARG B 353 40.15 -27.11 8.49
C ARG B 353 40.65 -25.76 9.01
N GLY B 354 39.73 -24.85 9.30
CA GLY B 354 40.14 -23.55 9.79
C GLY B 354 40.76 -22.72 8.68
N ASP B 355 40.26 -21.50 8.53
CA ASP B 355 40.78 -20.60 7.50
C ASP B 355 41.72 -19.58 8.12
N SER B 356 42.97 -19.58 7.69
CA SER B 356 43.97 -18.67 8.23
C SER B 356 43.87 -17.27 7.65
N PHE B 357 42.87 -17.05 6.81
CA PHE B 357 42.71 -15.76 6.19
C PHE B 357 41.67 -14.90 6.90
N THR B 358 40.66 -15.55 7.46
CA THR B 358 39.60 -14.84 8.18
C THR B 358 39.84 -14.87 9.69
N HIS B 359 40.82 -15.67 10.10
CA HIS B 359 41.20 -15.80 11.51
C HIS B 359 40.17 -16.63 12.28
N THR B 360 39.77 -17.76 11.70
CA THR B 360 38.79 -18.62 12.37
C THR B 360 39.30 -20.03 12.61
N PRO B 361 39.36 -20.45 13.89
CA PRO B 361 39.82 -21.76 14.32
C PRO B 361 39.00 -22.90 13.75
N PRO B 362 39.67 -23.99 13.32
CA PRO B 362 38.96 -25.14 12.75
C PRO B 362 37.80 -25.56 13.65
N LEU B 363 36.74 -26.07 13.04
CA LEU B 363 35.55 -26.49 13.77
C LEU B 363 35.65 -27.84 14.46
N ASP B 364 35.08 -27.91 15.67
CA ASP B 364 35.05 -29.13 16.44
C ASP B 364 33.86 -29.98 15.99
N PRO B 365 34.13 -31.10 15.30
CA PRO B 365 33.09 -32.02 14.80
C PRO B 365 32.02 -32.35 15.84
N GLN B 366 32.30 -32.01 17.09
CA GLN B 366 31.34 -32.26 18.15
C GLN B 366 30.48 -31.02 18.39
N GLU B 367 30.42 -30.14 17.39
CA GLU B 367 29.62 -28.94 17.51
C GLU B 367 28.53 -28.92 16.45
N LEU B 368 28.48 -29.98 15.64
CA LEU B 368 27.45 -30.09 14.62
C LEU B 368 26.25 -30.79 15.21
N ASP B 369 26.36 -31.13 16.50
CA ASP B 369 25.26 -31.76 17.19
C ASP B 369 24.36 -30.58 17.60
N ILE B 370 24.91 -29.39 17.40
CA ILE B 370 24.23 -28.12 17.67
C ILE B 370 23.07 -28.02 16.67
N LEU B 371 23.30 -28.57 15.47
CA LEU B 371 22.32 -28.55 14.40
C LEU B 371 21.32 -29.68 14.52
N LYS B 372 21.35 -30.39 15.63
CA LYS B 372 20.43 -31.49 15.89
C LYS B 372 19.03 -30.95 16.18
N THR B 373 18.95 -29.67 16.49
CA THR B 373 17.67 -29.02 16.82
C THR B 373 16.96 -28.33 15.65
N VAL B 374 17.56 -28.35 14.46
CA VAL B 374 16.93 -27.69 13.33
C VAL B 374 15.86 -28.54 12.65
N LYS B 375 14.63 -28.06 12.72
CA LYS B 375 13.50 -28.74 12.11
C LYS B 375 13.37 -28.38 10.64
N GLU B 376 13.49 -27.09 10.32
CA GLU B 376 13.37 -26.61 8.93
C GLU B 376 14.44 -25.62 8.49
N ILE B 377 14.57 -25.48 7.17
CA ILE B 377 15.54 -24.57 6.57
C ILE B 377 14.84 -23.85 5.42
N THR B 378 14.63 -22.55 5.59
CA THR B 378 13.95 -21.75 4.58
C THR B 378 14.66 -21.70 3.23
N GLY B 379 15.97 -21.58 3.24
CA GLY B 379 16.72 -21.51 2.00
C GLY B 379 17.16 -22.87 1.51
N PHE B 380 18.47 -23.02 1.30
CA PHE B 380 19.00 -24.30 0.83
C PHE B 380 20.07 -24.83 1.75
N LEU B 381 20.32 -26.14 1.66
CA LEU B 381 21.32 -26.80 2.49
C LEU B 381 22.49 -27.29 1.65
N LEU B 382 23.64 -26.63 1.78
CA LEU B 382 24.82 -27.03 1.02
C LEU B 382 25.88 -27.63 1.93
N ILE B 383 26.30 -28.84 1.58
CA ILE B 383 27.34 -29.55 2.35
C ILE B 383 28.37 -30.09 1.37
N GLN B 384 29.59 -29.56 1.45
CA GLN B 384 30.67 -30.02 0.58
C GLN B 384 31.73 -30.69 1.43
N ALA B 385 31.49 -30.71 2.74
CA ALA B 385 32.41 -31.32 3.69
C ALA B 385 31.61 -32.00 4.80
N TRP B 386 32.26 -32.86 5.57
CA TRP B 386 31.58 -33.57 6.64
C TRP B 386 32.55 -34.55 7.27
N PRO B 387 32.66 -34.52 8.61
CA PRO B 387 33.57 -35.41 9.34
C PRO B 387 33.74 -36.79 8.70
N GLU B 388 34.96 -37.29 8.78
CA GLU B 388 35.31 -38.59 8.22
C GLU B 388 34.85 -39.70 9.15
N ASN B 389 35.18 -39.56 10.43
CA ASN B 389 34.80 -40.55 11.45
C ASN B 389 33.32 -40.42 11.76
N ARG B 390 32.51 -40.49 10.71
CA ARG B 390 31.06 -40.41 10.80
C ARG B 390 30.59 -41.00 9.47
N THR B 391 29.39 -41.59 9.44
CA THR B 391 28.91 -42.18 8.19
C THR B 391 27.48 -41.75 7.91
N ASP B 392 27.01 -40.76 8.66
CA ASP B 392 25.64 -40.33 8.52
C ASP B 392 25.46 -38.84 8.79
N LEU B 393 24.67 -38.19 7.96
CA LEU B 393 24.37 -36.78 8.15
C LEU B 393 23.45 -36.79 9.37
N HIS B 394 24.06 -36.70 10.55
CA HIS B 394 23.33 -36.73 11.80
C HIS B 394 22.69 -35.42 12.23
N ALA B 395 23.48 -34.36 12.37
CA ALA B 395 22.98 -33.07 12.80
C ALA B 395 21.64 -32.74 12.14
N PHE B 396 21.43 -33.28 10.95
CA PHE B 396 20.21 -33.04 10.19
C PHE B 396 19.29 -34.25 10.22
N GLU B 397 19.18 -34.87 11.38
CA GLU B 397 18.34 -36.05 11.55
C GLU B 397 16.89 -35.61 11.61
N ASN B 398 16.65 -34.49 12.28
CA ASN B 398 15.32 -33.94 12.48
C ASN B 398 14.92 -32.97 11.39
N LEU B 399 15.81 -32.75 10.43
CA LEU B 399 15.50 -31.85 9.33
C LEU B 399 14.24 -32.43 8.70
N GLU B 400 13.14 -31.69 8.78
CA GLU B 400 11.88 -32.14 8.21
C GLU B 400 11.58 -31.44 6.89
N ILE B 401 11.90 -30.16 6.79
CA ILE B 401 11.61 -29.42 5.57
C ILE B 401 12.64 -28.38 5.16
N ILE B 402 12.83 -28.28 3.85
CA ILE B 402 13.73 -27.33 3.25
C ILE B 402 12.79 -26.62 2.30
N ARG B 403 12.63 -25.32 2.50
CA ARG B 403 11.73 -24.53 1.68
C ARG B 403 12.26 -24.16 0.29
N GLY B 404 13.56 -23.96 0.18
CA GLY B 404 14.12 -23.59 -1.11
C GLY B 404 13.71 -22.23 -1.62
N ARG B 405 13.55 -21.27 -0.72
CA ARG B 405 13.18 -19.92 -1.11
C ARG B 405 14.36 -19.28 -1.78
N THR B 406 15.52 -19.91 -1.58
CA THR B 406 16.79 -19.47 -2.13
C THR B 406 17.59 -20.73 -2.44
N LYS B 407 18.27 -20.75 -3.57
CA LYS B 407 19.02 -21.94 -3.95
C LYS B 407 20.41 -21.69 -4.52
N GLN B 408 21.30 -22.68 -4.39
CA GLN B 408 22.66 -22.54 -4.90
C GLN B 408 22.63 -22.36 -6.39
N HIS B 409 23.38 -21.37 -6.85
CA HIS B 409 23.46 -21.04 -8.26
C HIS B 409 22.08 -20.60 -8.72
N GLY B 410 21.10 -20.80 -7.84
CA GLY B 410 19.73 -20.45 -8.16
C GLY B 410 19.07 -21.70 -8.74
N GLN B 411 19.45 -22.85 -8.19
CA GLN B 411 18.91 -24.11 -8.68
C GLN B 411 18.70 -25.14 -7.58
N PHE B 412 19.77 -25.47 -6.86
CA PHE B 412 19.65 -26.50 -5.83
C PHE B 412 19.35 -26.03 -4.41
N SER B 413 18.40 -26.69 -3.77
CA SER B 413 18.01 -26.38 -2.39
C SER B 413 18.64 -27.39 -1.45
N LEU B 414 19.01 -28.55 -2.00
CA LEU B 414 19.67 -29.62 -1.26
C LEU B 414 20.86 -30.10 -2.08
N ALA B 415 22.06 -29.90 -1.55
CA ALA B 415 23.24 -30.33 -2.28
C ALA B 415 24.26 -30.97 -1.35
N VAL B 416 24.43 -32.28 -1.51
CA VAL B 416 25.38 -33.05 -0.72
C VAL B 416 26.24 -33.79 -1.71
N VAL B 417 27.46 -33.28 -1.88
CA VAL B 417 28.42 -33.84 -2.81
C VAL B 417 29.81 -33.90 -2.20
N SER B 418 30.61 -34.86 -2.67
CA SER B 418 31.98 -35.05 -2.20
C SER B 418 32.05 -35.50 -0.75
N LEU B 419 31.15 -36.42 -0.38
CA LEU B 419 31.13 -36.93 0.99
C LEU B 419 31.51 -38.40 1.10
N ASN B 420 32.30 -38.70 2.12
CA ASN B 420 32.76 -40.07 2.38
C ASN B 420 31.74 -40.86 3.17
N ILE B 421 30.53 -40.32 3.32
CA ILE B 421 29.48 -40.99 4.08
C ILE B 421 28.85 -42.18 3.36
N THR B 422 28.45 -43.17 4.15
CA THR B 422 27.84 -44.37 3.60
C THR B 422 26.38 -44.13 3.32
N SER B 423 25.79 -43.22 4.07
CA SER B 423 24.38 -42.89 3.92
C SER B 423 24.05 -41.48 4.42
N LEU B 424 23.05 -40.89 3.77
CA LEU B 424 22.55 -39.54 4.08
C LEU B 424 22.16 -39.46 5.54
N GLY B 425 21.09 -40.17 5.88
CA GLY B 425 20.60 -40.21 7.25
C GLY B 425 19.56 -39.16 7.57
N LEU B 426 18.77 -38.77 6.57
CA LEU B 426 17.73 -37.77 6.76
C LEU B 426 16.40 -38.52 6.84
N ARG B 427 16.13 -39.11 7.99
CA ARG B 427 14.91 -39.89 8.19
C ARG B 427 13.71 -39.05 8.64
N SER B 428 13.89 -37.73 8.69
CA SER B 428 12.82 -36.82 9.09
C SER B 428 12.32 -36.03 7.89
N LEU B 429 13.23 -35.71 6.98
CA LEU B 429 12.89 -34.94 5.79
C LEU B 429 11.60 -35.47 5.19
N LYS B 430 10.65 -34.58 4.95
CA LYS B 430 9.39 -35.00 4.38
C LYS B 430 9.00 -34.07 3.23
N GLU B 431 9.63 -32.89 3.18
CA GLU B 431 9.34 -31.96 2.09
C GLU B 431 10.49 -31.06 1.64
N ILE B 432 10.56 -30.86 0.34
CA ILE B 432 11.57 -29.99 -0.29
C ILE B 432 10.77 -29.06 -1.21
N SER B 433 10.12 -28.07 -0.60
CA SER B 433 9.29 -27.12 -1.32
C SER B 433 9.63 -26.89 -2.78
N ASP B 434 10.83 -26.37 -3.06
CA ASP B 434 11.23 -26.11 -4.44
C ASP B 434 12.75 -26.25 -4.64
N GLY B 435 13.20 -26.17 -5.89
CA GLY B 435 14.62 -26.28 -6.18
C GLY B 435 15.03 -27.72 -6.40
N ASP B 436 16.10 -27.92 -7.14
CA ASP B 436 16.57 -29.28 -7.41
C ASP B 436 17.49 -29.75 -6.31
N VAL B 437 17.59 -31.07 -6.18
CA VAL B 437 18.45 -31.69 -5.17
C VAL B 437 19.54 -32.49 -5.88
N ILE B 438 20.78 -32.29 -5.45
CA ILE B 438 21.89 -32.98 -6.07
C ILE B 438 22.75 -33.67 -5.02
N ILE B 439 22.94 -34.97 -5.23
CA ILE B 439 23.76 -35.79 -4.34
C ILE B 439 24.67 -36.59 -5.24
N SER B 440 25.94 -36.22 -5.28
CA SER B 440 26.91 -36.91 -6.12
C SER B 440 28.29 -36.87 -5.50
N GLY B 441 29.26 -37.49 -6.16
CA GLY B 441 30.61 -37.51 -5.65
C GLY B 441 30.65 -38.08 -4.24
N ASN B 442 29.79 -39.05 -3.98
CA ASN B 442 29.71 -39.69 -2.67
C ASN B 442 30.07 -41.17 -2.79
N LYS B 443 31.36 -41.42 -2.94
CA LYS B 443 31.96 -42.74 -3.11
C LYS B 443 31.21 -43.94 -2.53
N ASN B 444 31.08 -44.00 -1.21
CA ASN B 444 30.40 -45.13 -0.58
C ASN B 444 28.99 -44.80 -0.09
N LEU B 445 28.32 -43.91 -0.81
CA LEU B 445 26.96 -43.51 -0.46
C LEU B 445 25.93 -44.38 -1.18
N CYS B 446 24.98 -44.94 -0.44
CA CYS B 446 23.96 -45.79 -1.06
C CYS B 446 22.54 -45.43 -0.65
N TYR B 447 21.60 -46.31 -0.99
CA TYR B 447 20.19 -46.15 -0.67
C TYR B 447 19.53 -44.99 -1.40
N ALA B 448 20.22 -43.85 -1.43
CA ALA B 448 19.74 -42.62 -2.08
C ALA B 448 18.94 -42.80 -3.39
N ASN B 449 19.44 -43.65 -4.26
CA ASN B 449 18.82 -43.92 -5.56
C ASN B 449 17.45 -44.59 -5.51
N THR B 450 16.77 -44.51 -4.35
CA THR B 450 15.47 -45.15 -4.21
C THR B 450 14.42 -44.31 -3.51
N ILE B 451 14.83 -43.15 -3.01
CA ILE B 451 13.95 -42.25 -2.29
C ILE B 451 12.69 -41.77 -3.01
N ASN B 452 12.62 -41.94 -4.33
CA ASN B 452 11.42 -41.49 -5.05
C ASN B 452 11.09 -40.12 -4.48
N TRP B 453 11.85 -39.12 -4.89
CA TRP B 453 11.66 -37.78 -4.37
C TRP B 453 10.45 -37.04 -4.94
N LYS B 454 9.94 -37.50 -6.08
CA LYS B 454 8.78 -36.88 -6.71
C LYS B 454 7.72 -36.51 -5.67
N LYS B 455 7.80 -37.16 -4.52
CA LYS B 455 6.87 -36.94 -3.42
C LYS B 455 7.48 -36.00 -2.38
N LEU B 456 8.79 -36.12 -2.16
CA LEU B 456 9.49 -35.31 -1.17
C LEU B 456 9.45 -33.82 -1.41
N PHE B 457 9.10 -33.39 -2.62
CA PHE B 457 9.04 -31.97 -2.89
C PHE B 457 7.83 -31.58 -3.71
N GLY B 458 7.44 -30.31 -3.61
CA GLY B 458 6.26 -29.87 -4.35
C GLY B 458 6.32 -28.59 -5.17
N THR B 459 6.95 -28.65 -6.34
CA THR B 459 7.02 -27.51 -7.26
C THR B 459 7.33 -28.01 -8.66
N SER B 460 6.77 -27.34 -9.66
CA SER B 460 6.94 -27.71 -11.06
C SER B 460 8.40 -27.77 -11.52
N GLY B 461 8.77 -28.86 -12.18
CA GLY B 461 10.12 -29.02 -12.71
C GLY B 461 11.28 -29.35 -11.78
N GLN B 462 11.00 -29.76 -10.55
CA GLN B 462 12.09 -30.11 -9.65
C GLN B 462 12.67 -31.42 -10.10
N LYS B 463 13.94 -31.39 -10.44
CA LYS B 463 14.65 -32.60 -10.88
C LYS B 463 15.54 -33.05 -9.74
N THR B 464 16.40 -34.02 -10.03
CA THR B 464 17.30 -34.55 -9.01
C THR B 464 18.50 -35.26 -9.63
N LYS B 465 19.66 -34.61 -9.53
CA LYS B 465 20.89 -35.16 -10.09
C LYS B 465 21.68 -35.91 -9.01
N ILE B 466 21.46 -37.22 -8.97
CA ILE B 466 22.16 -38.08 -8.00
C ILE B 466 23.00 -39.05 -8.81
N ILE B 467 24.20 -38.63 -9.16
CA ILE B 467 25.08 -39.46 -9.98
C ILE B 467 26.44 -39.71 -9.35
N SER B 468 27.06 -40.82 -9.77
CA SER B 468 28.39 -41.19 -9.29
C SER B 468 28.54 -41.16 -7.77
N ASN B 469 27.90 -42.10 -7.10
CA ASN B 469 27.98 -42.21 -5.65
C ASN B 469 28.79 -43.45 -5.30
N ARG B 470 28.09 -44.58 -5.16
CA ARG B 470 28.73 -45.85 -4.84
C ARG B 470 28.38 -46.89 -5.89
N GLY B 471 27.08 -47.16 -6.04
CA GLY B 471 26.64 -48.14 -7.01
C GLY B 471 25.50 -48.97 -6.49
N GLU B 472 24.56 -49.30 -7.37
CA GLU B 472 23.41 -50.12 -7.01
C GLU B 472 23.80 -51.58 -6.92
N ASN B 473 24.51 -52.06 -7.95
CA ASN B 473 24.97 -53.45 -8.03
C ASN B 473 26.23 -53.72 -7.22
N SER B 474 26.91 -52.67 -6.78
CA SER B 474 28.12 -52.85 -6.00
C SER B 474 27.86 -52.68 -4.51
N CYS B 475 26.90 -51.85 -4.16
CA CYS B 475 26.59 -51.65 -2.75
C CYS B 475 25.79 -52.83 -2.22
N LYS B 476 24.98 -53.43 -3.09
CA LYS B 476 24.15 -54.57 -2.71
C LYS B 476 24.88 -55.48 -1.74
N ALA B 477 26.19 -55.59 -1.89
CA ALA B 477 27.02 -56.42 -1.03
C ALA B 477 26.99 -55.92 0.41
N THR B 478 27.95 -55.07 0.74
CA THR B 478 28.07 -54.52 2.10
C THR B 478 27.07 -53.40 2.43
N GLY B 479 25.78 -53.72 2.37
CA GLY B 479 24.75 -52.75 2.67
C GLY B 479 23.67 -52.58 1.62
N GLN B 480 23.47 -51.34 1.20
CA GLN B 480 22.47 -51.00 0.19
C GLN B 480 21.06 -51.44 0.57
N VAL B 481 20.39 -52.13 -0.34
CA VAL B 481 19.02 -52.62 -0.18
C VAL B 481 18.47 -52.65 1.25
N CYS B 482 17.16 -52.44 1.35
CA CYS B 482 16.46 -52.46 2.64
C CYS B 482 15.16 -53.24 2.51
N HIS B 483 14.82 -53.59 1.27
CA HIS B 483 13.62 -54.34 0.92
C HIS B 483 13.29 -55.42 1.94
N ALA B 484 12.21 -55.17 2.69
CA ALA B 484 11.73 -56.08 3.73
C ALA B 484 10.91 -55.24 4.70
N LEU B 485 11.62 -54.72 5.69
CA LEU B 485 11.05 -53.89 6.73
C LEU B 485 10.56 -52.56 6.14
N CYS B 486 11.26 -52.07 5.13
CA CYS B 486 10.92 -50.80 4.46
C CYS B 486 10.16 -51.04 3.16
N SER B 487 8.88 -50.70 3.15
CA SER B 487 8.02 -50.86 1.98
C SER B 487 8.66 -50.41 0.67
N PRO B 488 8.01 -50.72 -0.48
CA PRO B 488 8.46 -50.37 -1.82
C PRO B 488 8.77 -48.90 -2.06
N GLU B 489 8.69 -48.08 -1.01
CA GLU B 489 8.98 -46.66 -1.14
C GLU B 489 10.49 -46.42 -1.20
N GLY B 490 11.22 -47.05 -0.28
CA GLY B 490 12.66 -46.89 -0.25
C GLY B 490 13.15 -46.67 1.16
N CYS B 491 14.40 -46.22 1.31
CA CYS B 491 14.97 -45.99 2.63
C CYS B 491 16.14 -45.02 2.65
N TRP B 492 16.26 -44.27 3.73
CA TRP B 492 17.34 -43.32 3.91
C TRP B 492 18.41 -44.07 4.70
N GLY B 493 18.39 -45.39 4.56
CA GLY B 493 19.34 -46.22 5.26
C GLY B 493 18.91 -47.68 5.34
N PRO B 494 19.71 -48.53 6.01
CA PRO B 494 19.43 -49.96 6.17
C PRO B 494 18.54 -50.21 7.38
N GLU B 495 18.87 -49.53 8.48
CA GLU B 495 18.14 -49.65 9.73
C GLU B 495 16.64 -49.42 9.59
N PRO B 496 15.83 -50.23 10.28
CA PRO B 496 14.37 -50.13 10.24
C PRO B 496 13.86 -48.70 10.31
N ARG B 497 14.47 -47.89 11.17
CA ARG B 497 14.05 -46.49 11.31
C ARG B 497 14.26 -45.71 10.01
N ASP B 498 15.40 -45.96 9.36
CA ASP B 498 15.74 -45.30 8.10
C ASP B 498 14.64 -45.54 7.06
N CYS B 499 13.71 -46.44 7.34
CA CYS B 499 12.62 -46.73 6.42
C CYS B 499 11.86 -45.48 6.04
N VAL B 500 11.25 -45.50 4.86
CA VAL B 500 10.46 -44.38 4.40
C VAL B 500 9.01 -44.64 4.77
N SER B 501 8.58 -45.88 4.59
CA SER B 501 7.21 -46.30 4.92
C SER B 501 7.23 -47.71 5.50
N CYS B 502 6.71 -47.88 6.71
CA CYS B 502 6.69 -49.19 7.34
C CYS B 502 5.70 -50.11 6.62
N ARG B 503 5.15 -51.08 7.35
CA ARG B 503 4.19 -52.00 6.77
C ARG B 503 3.06 -52.31 7.75
N ASN B 504 1.83 -52.06 7.32
CA ASN B 504 0.63 -52.30 8.13
C ASN B 504 0.60 -51.45 9.38
N VAL B 505 0.81 -50.14 9.22
CA VAL B 505 0.81 -49.19 10.34
C VAL B 505 1.93 -49.44 11.35
N SER B 506 2.52 -50.64 11.31
CA SER B 506 3.59 -51.03 12.23
C SER B 506 4.55 -49.88 12.52
N ARG B 507 5.02 -49.81 13.76
CA ARG B 507 5.92 -48.75 14.17
C ARG B 507 6.50 -48.87 15.58
N GLY B 508 6.70 -47.72 16.22
CA GLY B 508 7.28 -47.68 17.53
C GLY B 508 8.58 -46.96 17.23
N ARG B 509 8.45 -45.89 16.43
CA ARG B 509 9.55 -45.06 15.97
C ARG B 509 10.18 -45.73 14.74
N GLU B 510 10.26 -47.06 14.79
CA GLU B 510 10.81 -47.87 13.70
C GLU B 510 9.74 -48.67 12.96
N CYS B 511 10.10 -49.80 12.39
CA CYS B 511 9.14 -50.60 11.65
C CYS B 511 8.97 -52.04 12.14
N VAL B 512 9.38 -52.31 13.38
CA VAL B 512 9.24 -53.67 13.90
C VAL B 512 7.78 -54.10 13.79
N GLU C 5 -53.28 18.69 2.40
CA GLU C 5 -52.79 18.49 1.00
C GLU C 5 -52.13 17.13 0.83
N CYS C 6 -51.39 16.70 1.85
CA CYS C 6 -50.71 15.42 1.80
C CYS C 6 -51.70 14.32 2.17
N PRO C 7 -51.54 13.13 1.56
CA PRO C 7 -52.41 11.97 1.77
C PRO C 7 -52.42 11.47 3.20
N LEU C 8 -53.40 10.61 3.49
CA LEU C 8 -53.53 10.02 4.81
C LEU C 8 -52.24 9.27 5.12
N SER C 9 -51.59 8.78 4.07
CA SER C 9 -50.33 8.06 4.23
C SER C 9 -49.28 8.96 4.86
N HIS C 10 -48.85 9.97 4.12
CA HIS C 10 -47.85 10.91 4.62
C HIS C 10 -48.33 11.64 5.86
N ASP C 11 -49.51 11.27 6.35
CA ASP C 11 -50.03 11.88 7.54
C ASP C 11 -49.14 11.40 8.69
N GLY C 12 -48.31 12.30 9.20
CA GLY C 12 -47.40 11.95 10.29
C GLY C 12 -45.97 11.94 9.76
N TYR C 13 -45.84 12.32 8.50
CA TYR C 13 -44.55 12.38 7.79
C TYR C 13 -43.58 13.32 8.49
N CYS C 14 -44.05 14.54 8.76
CA CYS C 14 -43.23 15.56 9.40
C CYS C 14 -43.38 15.59 10.91
N LEU C 15 -42.26 15.45 11.62
CA LEU C 15 -42.27 15.46 13.08
C LEU C 15 -42.14 16.88 13.62
N HIS C 16 -42.11 16.99 14.94
CA HIS C 16 -41.98 18.29 15.60
C HIS C 16 -42.91 19.34 15.00
N ASP C 17 -44.20 19.03 15.01
CA ASP C 17 -45.25 19.91 14.49
C ASP C 17 -44.99 20.52 13.12
N GLY C 18 -44.25 19.79 12.28
CA GLY C 18 -43.99 20.28 10.93
C GLY C 18 -45.20 19.94 10.08
N VAL C 19 -45.43 20.67 9.01
CA VAL C 19 -46.58 20.36 8.15
C VAL C 19 -46.12 19.83 6.81
N CYS C 20 -46.75 18.74 6.39
CA CYS C 20 -46.43 18.13 5.12
C CYS C 20 -47.07 18.97 4.04
N MET C 21 -46.40 19.08 2.90
CA MET C 21 -46.91 19.85 1.77
C MET C 21 -46.62 19.12 0.47
N TYR C 22 -47.47 19.33 -0.54
CA TYR C 22 -47.28 18.67 -1.82
C TYR C 22 -46.70 19.62 -2.87
N ILE C 23 -45.46 19.35 -3.28
CA ILE C 23 -44.79 20.19 -4.27
C ILE C 23 -45.32 19.82 -5.65
N GLU C 24 -46.49 20.36 -6.00
CA GLU C 24 -47.11 20.09 -7.30
C GLU C 24 -46.13 20.24 -8.44
N ALA C 25 -45.28 21.26 -8.34
CA ALA C 25 -44.30 21.56 -9.38
C ALA C 25 -43.31 20.45 -9.61
N LEU C 26 -43.00 19.72 -8.55
CA LEU C 26 -42.06 18.61 -8.61
C LEU C 26 -42.70 17.31 -8.20
N ASP C 27 -44.03 17.31 -8.13
CA ASP C 27 -44.76 16.12 -7.75
C ASP C 27 -44.02 15.35 -6.65
N LYS C 28 -44.00 15.91 -5.45
CA LYS C 28 -43.35 15.27 -4.30
C LYS C 28 -44.02 15.78 -3.04
N TYR C 29 -43.58 15.29 -1.89
CA TYR C 29 -44.14 15.73 -0.62
C TYR C 29 -42.97 16.09 0.26
N ALA C 30 -42.97 17.29 0.82
CA ALA C 30 -41.89 17.70 1.69
C ALA C 30 -42.42 18.22 3.02
N CYS C 31 -41.51 18.69 3.87
CA CYS C 31 -41.90 19.22 5.16
C CYS C 31 -41.60 20.70 5.34
N ASN C 32 -42.55 21.42 5.94
CA ASN C 32 -42.37 22.83 6.23
C ASN C 32 -42.10 22.83 7.74
N CYS C 33 -40.93 22.33 8.11
CA CYS C 33 -40.51 22.24 9.50
C CYS C 33 -40.60 23.52 10.28
N VAL C 34 -41.01 23.43 11.54
CA VAL C 34 -41.07 24.62 12.39
C VAL C 34 -39.64 25.10 12.58
N VAL C 35 -39.46 26.40 12.83
CA VAL C 35 -38.13 26.94 13.01
C VAL C 35 -37.41 26.19 14.13
N GLY C 36 -36.17 25.78 13.88
CA GLY C 36 -35.40 25.10 14.91
C GLY C 36 -35.09 23.64 14.61
N TYR C 37 -35.82 23.05 13.68
CA TYR C 37 -35.61 21.64 13.32
C TYR C 37 -35.23 21.46 11.87
N ILE C 38 -34.25 20.58 11.64
CA ILE C 38 -33.77 20.31 10.29
C ILE C 38 -33.89 18.83 9.94
N GLY C 39 -33.71 18.51 8.66
CA GLY C 39 -33.81 17.13 8.24
C GLY C 39 -35.09 16.94 7.46
N GLU C 40 -35.10 16.03 6.49
CA GLU C 40 -36.27 15.78 5.66
C GLU C 40 -37.61 15.59 6.37
N ARG C 41 -37.56 15.10 7.60
CA ARG C 41 -38.78 14.90 8.36
C ARG C 41 -38.70 15.74 9.64
N CYS C 42 -37.73 16.64 9.65
CA CYS C 42 -37.50 17.53 10.78
C CYS C 42 -37.17 16.68 12.01
N GLN C 43 -36.39 15.63 11.83
CA GLN C 43 -36.05 14.77 12.93
C GLN C 43 -35.10 15.37 13.94
N TYR C 44 -34.08 16.08 13.47
CA TYR C 44 -33.08 16.65 14.37
C TYR C 44 -33.30 18.10 14.78
N ARG C 45 -33.04 18.35 16.05
CA ARG C 45 -33.14 19.69 16.60
C ARG C 45 -31.83 20.28 16.11
N ASP C 46 -31.83 21.57 15.78
CA ASP C 46 -30.63 22.19 15.27
C ASP C 46 -29.57 22.55 16.30
N LEU C 47 -29.24 21.58 17.15
CA LEU C 47 -28.26 21.72 18.21
C LEU C 47 -27.24 22.84 18.07
N LYS C 48 -26.61 22.94 16.91
CA LYS C 48 -25.60 23.97 16.72
C LYS C 48 -26.16 25.36 16.52
N TRP C 49 -27.21 25.70 17.25
CA TRP C 49 -27.82 27.02 17.19
C TRP C 49 -28.34 27.41 18.57
N TRP C 50 -29.60 27.12 18.88
CA TRP C 50 -30.09 27.47 20.21
C TRP C 50 -30.63 26.35 21.06
N GLU C 51 -30.74 26.62 22.37
CA GLU C 51 -31.25 25.68 23.37
C GLU C 51 -31.09 24.23 22.97
N GLU D 5 53.26 -16.17 -4.52
CA GLU D 5 53.42 -14.70 -4.74
C GLU D 5 52.49 -13.89 -3.83
N CYS D 6 51.60 -14.59 -3.14
CA CYS D 6 50.66 -13.94 -2.25
C CYS D 6 51.18 -13.87 -0.82
N PRO D 7 51.04 -12.69 -0.17
CA PRO D 7 51.47 -12.40 1.19
C PRO D 7 51.25 -13.57 2.16
N LEU D 8 51.98 -13.56 3.27
CA LEU D 8 51.80 -14.61 4.25
C LEU D 8 50.31 -14.51 4.57
N SER D 9 49.80 -13.32 4.33
CA SER D 9 48.40 -13.02 4.55
C SER D 9 47.49 -13.96 3.74
N HIS D 10 47.35 -13.62 2.46
CA HIS D 10 46.52 -14.39 1.56
C HIS D 10 46.84 -15.89 1.48
N ASP D 11 47.58 -16.41 2.45
CA ASP D 11 47.87 -17.84 2.45
C ASP D 11 46.60 -18.49 2.97
N GLY D 12 46.06 -19.44 2.22
CA GLY D 12 44.83 -20.11 2.60
C GLY D 12 43.66 -19.53 1.82
N TYR D 13 43.75 -18.23 1.52
CA TYR D 13 42.75 -17.49 0.76
C TYR D 13 42.00 -18.34 -0.26
N CYS D 14 42.71 -18.81 -1.29
CA CYS D 14 42.12 -19.63 -2.33
C CYS D 14 41.92 -21.05 -1.83
N LEU D 15 40.66 -21.37 -1.50
CA LEU D 15 40.35 -22.71 -1.01
C LEU D 15 40.34 -23.69 -2.17
N HIS D 16 39.98 -24.94 -1.90
CA HIS D 16 39.92 -25.97 -2.93
C HIS D 16 41.07 -25.97 -3.94
N ASP D 17 42.28 -26.13 -3.43
CA ASP D 17 43.49 -26.17 -4.26
C ASP D 17 43.67 -25.06 -5.28
N GLY D 18 42.81 -24.06 -5.25
CA GLY D 18 42.97 -22.97 -6.20
C GLY D 18 44.30 -22.33 -5.88
N VAL D 19 44.94 -21.70 -6.86
CA VAL D 19 46.23 -21.06 -6.63
C VAL D 19 46.07 -19.55 -6.55
N CYS D 20 46.67 -18.94 -5.53
CA CYS D 20 46.58 -17.50 -5.37
C CYS D 20 47.46 -16.82 -6.42
N MET D 21 47.23 -15.54 -6.70
CA MET D 21 47.99 -14.83 -7.72
C MET D 21 47.84 -13.31 -7.71
N TYR D 22 48.95 -12.60 -7.85
CA TYR D 22 48.90 -11.14 -7.86
C TYR D 22 48.65 -10.54 -9.23
N ILE D 23 47.62 -9.71 -9.31
CA ILE D 23 47.27 -9.05 -10.56
C ILE D 23 47.91 -7.66 -10.54
N GLU D 24 49.24 -7.63 -10.68
CA GLU D 24 50.01 -6.39 -10.68
C GLU D 24 49.36 -5.32 -11.54
N ALA D 25 48.68 -5.78 -12.59
CA ALA D 25 48.00 -4.90 -13.52
C ALA D 25 46.96 -3.99 -12.86
N LEU D 26 46.38 -4.45 -11.75
CA LEU D 26 45.37 -3.69 -11.02
C LEU D 26 45.74 -3.58 -9.56
N ASP D 27 46.91 -4.11 -9.20
CA ASP D 27 47.35 -4.09 -7.81
C ASP D 27 46.21 -4.73 -7.02
N LYS D 28 46.12 -6.05 -7.10
CA LYS D 28 45.07 -6.81 -6.43
C LYS D 28 45.41 -8.29 -6.46
N TYR D 29 44.77 -9.05 -5.59
CA TYR D 29 45.00 -10.49 -5.56
C TYR D 29 43.70 -11.18 -6.02
N ALA D 30 43.82 -12.44 -6.42
CA ALA D 30 42.67 -13.19 -6.89
C ALA D 30 43.08 -14.65 -7.03
N CYS D 31 42.11 -15.52 -7.29
CA CYS D 31 42.43 -16.93 -7.41
C CYS D 31 42.30 -17.51 -8.78
N ASN D 32 43.12 -18.52 -9.05
CA ASN D 32 43.08 -19.23 -10.31
C ASN D 32 42.52 -20.58 -9.86
N CYS D 33 41.23 -20.58 -9.54
CA CYS D 33 40.56 -21.78 -9.05
C CYS D 33 40.69 -22.98 -9.94
N VAL D 34 40.70 -24.14 -9.32
CA VAL D 34 40.81 -25.40 -10.04
C VAL D 34 39.58 -25.50 -10.93
N VAL D 35 39.68 -26.30 -11.98
CA VAL D 35 38.55 -26.50 -12.88
C VAL D 35 37.42 -27.12 -12.04
N GLY D 36 36.21 -26.60 -12.18
CA GLY D 36 35.11 -27.16 -11.44
C GLY D 36 34.66 -26.39 -10.22
N TYR D 37 35.41 -25.36 -9.84
CA TYR D 37 35.06 -24.55 -8.68
C TYR D 37 34.92 -23.07 -9.05
N ILE D 38 33.86 -22.45 -8.52
CA ILE D 38 33.55 -21.06 -8.80
C ILE D 38 33.55 -20.22 -7.50
N GLY D 39 33.62 -18.91 -7.61
CA GLY D 39 33.60 -18.09 -6.42
C GLY D 39 34.90 -17.32 -6.21
N GLU D 40 34.81 -16.14 -5.63
CA GLU D 40 35.99 -15.32 -5.42
C GLU D 40 37.10 -16.10 -4.77
N ARG D 41 36.75 -17.12 -4.00
CA ARG D 41 37.73 -17.94 -3.31
C ARG D 41 37.51 -19.43 -3.58
N CYS D 42 36.92 -19.73 -4.73
CA CYS D 42 36.62 -21.11 -5.12
C CYS D 42 35.84 -21.82 -4.03
N GLN D 43 35.20 -21.05 -3.16
CA GLN D 43 34.46 -21.61 -2.04
C GLN D 43 33.35 -22.58 -2.40
N TYR D 44 32.75 -22.45 -3.58
CA TYR D 44 31.67 -23.34 -3.95
C TYR D 44 32.03 -24.25 -5.12
N ARG D 45 31.35 -25.39 -5.19
CA ARG D 45 31.55 -26.38 -6.25
C ARG D 45 30.42 -26.21 -7.27
N ASP D 46 30.76 -25.83 -8.49
CA ASP D 46 29.77 -25.62 -9.54
C ASP D 46 28.84 -26.81 -9.68
N LEU D 47 27.87 -26.90 -8.79
CA LEU D 47 26.89 -27.97 -8.80
C LEU D 47 26.39 -28.25 -10.21
N LYS D 48 25.53 -27.37 -10.70
CA LYS D 48 24.95 -27.52 -12.03
C LYS D 48 26.01 -27.72 -13.10
N TRP D 49 26.32 -28.99 -13.37
CA TRP D 49 27.30 -29.43 -14.38
C TRP D 49 27.44 -30.95 -14.29
N TRP D 50 28.32 -31.42 -13.42
CA TRP D 50 28.52 -32.85 -13.22
C TRP D 50 28.97 -33.14 -11.77
N GLU D 51 28.79 -34.39 -11.34
CA GLU D 51 29.16 -34.84 -9.99
C GLU D 51 29.11 -33.72 -8.95
#